data_7MYR
#
_entry.id   7MYR
#
_cell.length_a   86.483
_cell.length_b   89.739
_cell.length_c   131.700
_cell.angle_alpha   90.000
_cell.angle_beta   90.000
_cell.angle_gamma   90.000
#
_symmetry.space_group_name_H-M   'P 21 21 21'
#
loop_
_entity.id
_entity.type
_entity.pdbx_description
1 polymer 'Beta-secretase 1'
2 non-polymer (4aR,7aR)-6-(5-fluoropyrimidin-2-yl)-7a-(1,2-thiazol-5-yl)-4,4a,5,6,7,7a-hexahydropyrrolo[3,4-d][1,3]thiazin-2-amine
3 non-polymer GLYCEROL
4 non-polymer 'SULFATE ION'
5 water water
#
_entity_poly.entity_id   1
_entity_poly.type   'polypeptide(L)'
_entity_poly.pdbx_seq_one_letter_code
;MAGVLPAHGTQHGIRLPLRSGLGGAPLGLRLPRETDEEPEEPGRRGSFVEMVDNLRGKSGQGYYVEMTVGSPPQTLNILV
DTGSSNFAVGAAPHPFLHRYYQRQLSSTYRDLRKGVYVPYTQGKWEGELGTDLVSIPHGPNVTVRANIAAITESDKFFIN
GSNWEGILGLAYAEIARPDDSLEPFFDSLVKQTHVPNLFSLQLCGAGFPLNQSEVLASVGGSMIIGGIDHSLYTGSLWYT
PIRREWYYEVIIVRVEINGQDLKMDCKEYNYDKSIVDSGTTNLRLPKKVFEAAVKSIKAASSTEKFPDGFWLGEQLVCWQ
AGTTPWNIFPVISLYLMGEVTNQSFRITILPQQYLRPVEDVATSQDDCYKFAISQSSTGTVMGAVIMEGFYVVFDRARKR
IGFAVSACHVHDEFRTAAVEGPFVTLDMEDCGYNIPQTDEST
;
_entity_poly.pdbx_strand_id   A,B
#
loop_
_chem_comp.id
_chem_comp.type
_chem_comp.name
_chem_comp.formula
GOL non-polymer GLYCEROL 'C3 H8 O3'
SO4 non-polymer 'SULFATE ION' 'O4 S -2'
ZRD non-polymer (4aR,7aR)-6-(5-fluoropyrimidin-2-yl)-7a-(1,2-thiazol-5-yl)-4,4a,5,6,7,7a-hexahydropyrrolo[3,4-d][1,3]thiazin-2-amine 'C13 H13 F N6 S2'
#
# COMPACT_ATOMS: atom_id res chain seq x y z
N ARG A 44 16.78 -22.90 -1.31
CA ARG A 44 16.16 -23.16 0.03
C ARG A 44 14.64 -23.03 -0.07
N ARG A 45 13.93 -24.07 0.34
CA ARG A 45 12.47 -24.15 0.28
C ARG A 45 11.86 -23.65 1.58
N GLY A 46 10.70 -22.98 1.47
CA GLY A 46 9.89 -22.60 2.63
C GLY A 46 8.77 -23.61 2.92
N SER A 47 8.87 -24.29 4.07
CA SER A 47 8.00 -25.41 4.34
C SER A 47 6.83 -25.03 5.24
N PHE A 48 6.70 -23.76 5.66
CA PHE A 48 5.64 -23.43 6.61
C PHE A 48 4.77 -22.28 6.11
N VAL A 49 4.20 -22.43 4.90
CA VAL A 49 3.52 -21.33 4.21
C VAL A 49 2.34 -20.79 5.02
N GLU A 50 1.65 -21.66 5.77
CA GLU A 50 0.48 -21.29 6.56
CA GLU A 50 0.46 -21.26 6.54
C GLU A 50 0.84 -20.26 7.63
N MET A 51 2.11 -20.26 8.08
CA MET A 51 2.50 -19.37 9.19
C MET A 51 3.33 -18.18 8.72
N VAL A 52 3.85 -18.23 7.48
CA VAL A 52 4.61 -17.08 7.00
C VAL A 52 3.67 -15.86 6.88
N ASP A 53 4.16 -14.70 7.33
CA ASP A 53 3.47 -13.41 7.26
C ASP A 53 2.30 -13.36 8.25
N ASN A 54 2.40 -14.06 9.38
CA ASN A 54 1.30 -14.06 10.34
C ASN A 54 1.41 -12.97 11.41
N LEU A 55 2.46 -12.13 11.37
CA LEU A 55 2.62 -11.07 12.36
C LEU A 55 2.34 -9.70 11.74
N ARG A 56 1.89 -8.77 12.59
CA ARG A 56 1.78 -7.36 12.25
CA ARG A 56 1.78 -7.36 12.25
C ARG A 56 2.37 -6.52 13.39
N GLY A 57 2.70 -5.25 13.10
CA GLY A 57 3.21 -4.35 14.12
C GLY A 57 4.58 -3.78 13.77
N LYS A 58 5.31 -3.35 14.81
CA LYS A 58 6.57 -2.64 14.63
C LYS A 58 7.31 -2.62 15.96
N SER A 59 8.60 -2.28 15.91
CA SER A 59 9.44 -2.42 17.11
C SER A 59 8.93 -1.59 18.30
N GLY A 60 8.42 -0.37 18.02
CA GLY A 60 8.02 0.57 19.05
C GLY A 60 6.79 0.10 19.83
N GLN A 61 5.83 -0.50 19.14
CA GLN A 61 4.55 -0.87 19.74
C GLN A 61 4.44 -2.39 19.94
N GLY A 62 5.36 -3.14 19.33
CA GLY A 62 5.38 -4.59 19.43
C GLY A 62 4.75 -5.26 18.21
N TYR A 63 5.06 -6.55 18.06
CA TYR A 63 4.55 -7.39 16.97
C TYR A 63 3.51 -8.34 17.55
N TYR A 64 2.41 -8.53 16.84
CA TYR A 64 1.33 -9.34 17.38
C TYR A 64 0.85 -10.39 16.36
N VAL A 65 0.21 -11.44 16.89
CA VAL A 65 -0.35 -12.56 16.14
C VAL A 65 -1.83 -12.66 16.49
N GLU A 66 -2.63 -13.09 15.52
CA GLU A 66 -4.06 -13.31 15.79
C GLU A 66 -4.21 -14.64 16.53
N MET A 67 -5.03 -14.65 17.59
CA MET A 67 -5.35 -15.89 18.30
C MET A 67 -6.86 -15.92 18.53
N THR A 68 -7.38 -17.12 18.84
CA THR A 68 -8.77 -17.16 19.28
C THR A 68 -8.81 -17.81 20.65
N VAL A 69 -9.79 -17.37 21.46
CA VAL A 69 -9.97 -17.95 22.78
CA VAL A 69 -9.98 -17.90 22.79
C VAL A 69 -11.46 -18.26 22.95
N GLY A 70 -11.75 -19.40 23.57
CA GLY A 70 -13.11 -19.72 23.99
C GLY A 70 -13.94 -20.44 22.92
N SER A 71 -15.17 -20.83 23.33
CA SER A 71 -16.14 -21.52 22.48
C SER A 71 -17.49 -20.79 22.59
N PRO A 72 -18.00 -20.23 21.48
CA PRO A 72 -17.36 -20.11 20.17
C PRO A 72 -16.11 -19.22 20.20
N PRO A 73 -15.21 -19.33 19.20
CA PRO A 73 -13.94 -18.59 19.23
C PRO A 73 -14.11 -17.06 19.24
N GLN A 74 -13.38 -16.43 20.15
CA GLN A 74 -13.27 -14.98 20.21
C GLN A 74 -11.90 -14.57 19.68
N THR A 75 -11.87 -13.78 18.60
CA THR A 75 -10.61 -13.36 17.99
C THR A 75 -10.00 -12.18 18.74
N LEU A 76 -8.70 -12.28 19.05
CA LEU A 76 -7.93 -11.20 19.67
C LEU A 76 -6.55 -11.12 19.02
N ASN A 77 -6.00 -9.91 18.97
CA ASN A 77 -4.61 -9.74 18.54
C ASN A 77 -3.71 -9.75 19.77
N ILE A 78 -2.61 -10.52 19.72
CA ILE A 78 -1.85 -10.78 20.92
C ILE A 78 -0.36 -10.49 20.68
N LEU A 79 0.22 -9.63 21.53
CA LEU A 79 1.63 -9.26 21.48
C LEU A 79 2.50 -10.49 21.74
N VAL A 80 3.54 -10.68 20.90
CA VAL A 80 4.46 -11.79 21.06
C VAL A 80 5.64 -11.33 21.90
N ASP A 81 5.82 -11.93 23.10
CA ASP A 81 6.82 -11.47 24.04
C ASP A 81 7.71 -12.62 24.53
N THR A 82 8.94 -12.70 24.00
CA THR A 82 9.86 -13.73 24.43
C THR A 82 10.49 -13.37 25.79
N GLY A 83 10.14 -12.22 26.35
CA GLY A 83 10.69 -11.76 27.63
C GLY A 83 9.78 -11.97 28.85
N SER A 84 8.67 -12.69 28.67
CA SER A 84 7.76 -13.01 29.78
C SER A 84 7.09 -14.35 29.54
N SER A 85 6.24 -14.82 30.48
CA SER A 85 5.81 -16.21 30.42
C SER A 85 4.33 -16.39 30.73
N ASN A 86 3.57 -15.29 30.77
CA ASN A 86 2.12 -15.33 30.98
C ASN A 86 1.36 -15.05 29.69
N PHE A 87 0.25 -15.78 29.52
CA PHE A 87 -0.71 -15.45 28.47
C PHE A 87 -1.85 -14.67 29.16
N ALA A 88 -2.01 -13.41 28.77
CA ALA A 88 -2.93 -12.52 29.47
C ALA A 88 -3.65 -11.65 28.46
N VAL A 89 -4.96 -11.51 28.64
CA VAL A 89 -5.77 -10.83 27.63
C VAL A 89 -6.68 -9.82 28.32
N GLY A 90 -6.91 -8.67 27.68
CA GLY A 90 -7.94 -7.75 28.16
C GLY A 90 -9.28 -8.49 28.27
N ALA A 91 -9.95 -8.33 29.42
CA ALA A 91 -11.16 -9.08 29.72
C ALA A 91 -12.26 -8.17 30.29
N ALA A 92 -12.08 -6.86 30.12
CA ALA A 92 -13.04 -5.85 30.56
C ALA A 92 -12.84 -4.58 29.74
N PRO A 93 -13.86 -3.72 29.56
CA PRO A 93 -13.73 -2.49 28.76
C PRO A 93 -12.55 -1.62 29.22
N HIS A 94 -11.85 -1.08 28.22
CA HIS A 94 -10.74 -0.16 28.42
C HIS A 94 -10.79 0.86 27.29
N PRO A 95 -10.45 2.15 27.53
CA PRO A 95 -10.46 3.16 26.48
C PRO A 95 -9.66 2.80 25.22
N PHE A 96 -8.61 1.97 25.39
CA PHE A 96 -7.72 1.68 24.27
C PHE A 96 -7.99 0.28 23.68
N LEU A 97 -9.03 -0.41 24.16
CA LEU A 97 -9.38 -1.73 23.61
C LEU A 97 -10.67 -1.59 22.80
N HIS A 98 -10.67 -2.11 21.57
CA HIS A 98 -11.87 -2.18 20.75
C HIS A 98 -12.59 -3.51 21.00
N ARG A 99 -11.89 -4.49 21.59
CA ARG A 99 -12.52 -5.75 21.94
C ARG A 99 -11.76 -6.41 23.08
N TYR A 100 -12.40 -7.40 23.72
CA TYR A 100 -11.84 -8.04 24.90
C TYR A 100 -12.50 -9.40 25.06
N TYR A 101 -11.84 -10.24 25.87
CA TYR A 101 -12.29 -11.59 26.16
C TYR A 101 -13.50 -11.52 27.09
N GLN A 102 -14.57 -12.18 26.68
CA GLN A 102 -15.81 -12.25 27.44
C GLN A 102 -16.01 -13.69 27.91
N ARG A 103 -15.61 -13.94 29.15
CA ARG A 103 -15.58 -15.29 29.71
C ARG A 103 -16.99 -15.88 29.82
N GLN A 104 -17.99 -15.01 30.05
CA GLN A 104 -19.37 -15.44 30.22
CA GLN A 104 -19.38 -15.41 30.21
C GLN A 104 -19.95 -15.95 28.90
N LEU A 105 -19.29 -15.64 27.77
CA LEU A 105 -19.79 -16.12 26.47
C LEU A 105 -19.05 -17.38 25.99
N SER A 106 -18.14 -17.90 26.81
CA SER A 106 -17.38 -19.09 26.42
C SER A 106 -17.86 -20.29 27.22
N SER A 107 -18.38 -21.31 26.53
CA SER A 107 -18.86 -22.53 27.16
C SER A 107 -17.72 -23.37 27.76
N THR A 108 -16.47 -23.11 27.33
CA THR A 108 -15.33 -23.94 27.71
C THR A 108 -14.44 -23.25 28.74
N TYR A 109 -14.83 -22.05 29.17
CA TYR A 109 -14.11 -21.30 30.21
C TYR A 109 -14.13 -22.08 31.53
N ARG A 110 -12.97 -22.14 32.21
CA ARG A 110 -12.87 -22.69 33.56
C ARG A 110 -12.23 -21.65 34.47
N ASP A 111 -12.88 -21.40 35.61
CA ASP A 111 -12.39 -20.42 36.57
C ASP A 111 -11.41 -21.10 37.52
N LEU A 112 -10.20 -20.53 37.66
CA LEU A 112 -9.21 -21.09 38.57
C LEU A 112 -9.34 -20.48 39.98
N ARG A 113 -10.22 -19.48 40.15
CA ARG A 113 -10.52 -18.82 41.43
C ARG A 113 -9.24 -18.31 42.10
N LYS A 114 -8.43 -17.56 41.35
CA LYS A 114 -7.15 -17.07 41.83
C LYS A 114 -6.79 -15.82 41.05
N GLY A 115 -6.37 -14.77 41.78
CA GLY A 115 -5.93 -13.52 41.18
C GLY A 115 -4.44 -13.57 40.83
N VAL A 116 -4.04 -12.66 39.93
CA VAL A 116 -2.64 -12.52 39.59
C VAL A 116 -2.35 -11.02 39.47
N TYR A 117 -1.23 -10.58 40.04
CA TYR A 117 -0.85 -9.18 40.06
C TYR A 117 0.55 -9.05 39.45
N VAL A 118 0.68 -8.27 38.37
CA VAL A 118 1.91 -8.27 37.60
C VAL A 118 2.40 -6.83 37.46
N PRO A 119 3.10 -6.26 38.47
CA PRO A 119 3.74 -4.95 38.30
C PRO A 119 5.11 -5.12 37.63
N TYR A 120 5.48 -4.15 36.78
CA TYR A 120 6.81 -4.12 36.19
C TYR A 120 7.25 -2.66 36.13
N THR A 121 8.44 -2.39 35.57
CA THR A 121 9.03 -1.07 35.66
C THR A 121 8.10 -0.01 35.08
N GLN A 122 7.61 -0.23 33.86
CA GLN A 122 6.93 0.82 33.12
C GLN A 122 5.41 0.70 33.26
N GLY A 123 4.90 -0.26 34.05
CA GLY A 123 3.46 -0.45 34.09
C GLY A 123 3.02 -1.64 34.95
N LYS A 124 1.74 -1.99 34.84
CA LYS A 124 1.18 -3.10 35.60
C LYS A 124 -0.11 -3.60 34.97
N TRP A 125 -0.38 -4.88 35.22
CA TRP A 125 -1.70 -5.42 34.95
C TRP A 125 -2.09 -6.36 36.08
N GLU A 126 -3.38 -6.54 36.28
CA GLU A 126 -3.83 -7.53 37.25
C GLU A 126 -5.08 -8.20 36.70
N GLY A 127 -5.35 -9.41 37.17
CA GLY A 127 -6.54 -10.07 36.68
C GLY A 127 -6.79 -11.41 37.35
N GLU A 128 -7.59 -12.22 36.66
CA GLU A 128 -8.16 -13.42 37.23
C GLU A 128 -7.71 -14.60 36.35
N LEU A 129 -7.22 -15.64 37.00
CA LEU A 129 -6.72 -16.81 36.29
C LEU A 129 -7.89 -17.74 35.95
N GLY A 130 -7.78 -18.35 34.77
CA GLY A 130 -8.71 -19.34 34.27
C GLY A 130 -8.03 -20.15 33.16
N THR A 131 -8.78 -21.10 32.59
CA THR A 131 -8.31 -21.82 31.40
C THR A 131 -9.42 -21.80 30.34
N ASP A 132 -9.01 -21.95 29.08
CA ASP A 132 -9.97 -22.05 27.99
C ASP A 132 -9.23 -22.65 26.80
N LEU A 133 -10.01 -22.98 25.76
CA LEU A 133 -9.46 -23.51 24.52
C LEU A 133 -8.92 -22.34 23.70
N VAL A 134 -7.72 -22.51 23.13
CA VAL A 134 -7.03 -21.44 22.43
C VAL A 134 -6.51 -22.02 21.12
N SER A 135 -6.60 -21.21 20.05
CA SER A 135 -6.03 -21.57 18.76
CA SER A 135 -6.04 -21.57 18.76
CA SER A 135 -6.04 -21.57 18.76
C SER A 135 -5.29 -20.38 18.17
N ILE A 136 -4.41 -20.67 17.20
CA ILE A 136 -3.76 -19.64 16.41
C ILE A 136 -4.16 -19.88 14.95
N PRO A 137 -5.09 -19.06 14.38
CA PRO A 137 -5.62 -19.29 13.03
C PRO A 137 -4.56 -19.46 11.95
N HIS A 138 -3.54 -18.58 11.99
CA HIS A 138 -2.43 -18.68 11.05
C HIS A 138 -1.27 -19.34 11.77
N GLY A 139 -1.50 -20.57 12.23
CA GLY A 139 -0.57 -21.28 13.07
C GLY A 139 -0.68 -22.77 12.82
N PRO A 140 -0.31 -23.62 13.80
CA PRO A 140 -0.52 -25.06 13.69
C PRO A 140 -2.03 -25.27 13.75
N ASN A 141 -2.50 -26.34 13.12
CA ASN A 141 -3.92 -26.59 13.06
C ASN A 141 -4.30 -27.41 14.29
N VAL A 142 -4.15 -26.80 15.47
CA VAL A 142 -4.40 -27.49 16.73
C VAL A 142 -5.10 -26.51 17.67
N THR A 143 -5.85 -27.08 18.63
CA THR A 143 -6.51 -26.31 19.68
C THR A 143 -6.06 -26.90 21.00
N VAL A 144 -5.65 -26.04 21.94
CA VAL A 144 -5.13 -26.52 23.22
C VAL A 144 -5.88 -25.85 24.36
N ARG A 145 -5.88 -26.51 25.53
CA ARG A 145 -6.40 -25.85 26.71
C ARG A 145 -5.23 -25.18 27.44
N ALA A 146 -5.33 -23.86 27.61
CA ALA A 146 -4.22 -23.06 28.13
C ALA A 146 -4.68 -22.23 29.32
N ASN A 147 -3.73 -21.92 30.21
CA ASN A 147 -3.93 -20.88 31.21
C ASN A 147 -4.13 -19.53 30.53
N ILE A 148 -5.10 -18.75 31.02
CA ILE A 148 -5.32 -17.38 30.55
C ILE A 148 -5.55 -16.49 31.76
N ALA A 149 -4.76 -15.40 31.85
CA ALA A 149 -5.04 -14.35 32.82
C ALA A 149 -5.99 -13.34 32.19
N ALA A 150 -7.19 -13.23 32.76
CA ALA A 150 -8.19 -12.27 32.30
C ALA A 150 -7.91 -10.92 32.95
N ILE A 151 -7.41 -9.95 32.18
CA ILE A 151 -6.96 -8.68 32.78
C ILE A 151 -8.18 -7.83 33.10
N THR A 152 -8.31 -7.42 34.37
CA THR A 152 -9.45 -6.63 34.81
C THR A 152 -9.05 -5.19 35.15
N GLU A 153 -7.77 -4.95 35.46
CA GLU A 153 -7.25 -3.62 35.74
C GLU A 153 -5.82 -3.56 35.21
N SER A 154 -5.41 -2.37 34.75
CA SER A 154 -4.06 -2.21 34.22
C SER A 154 -3.68 -0.73 34.24
N ASP A 155 -2.37 -0.47 34.11
CA ASP A 155 -1.83 0.88 34.05
C ASP A 155 -0.67 0.90 33.07
N LYS A 156 -0.80 1.68 31.99
CA LYS A 156 0.21 1.88 30.95
C LYS A 156 0.60 0.56 30.29
N PHE A 157 -0.37 -0.36 30.18
CA PHE A 157 -0.14 -1.65 29.54
C PHE A 157 -0.68 -1.59 28.11
N PHE A 158 -1.98 -1.31 27.98
CA PHE A 158 -2.61 -1.07 26.70
C PHE A 158 -2.14 0.27 26.13
N ILE A 159 -1.64 0.23 24.89
CA ILE A 159 -1.14 1.39 24.17
C ILE A 159 -2.25 1.86 23.22
N ASN A 160 -2.53 3.16 23.23
CA ASN A 160 -3.48 3.75 22.30
C ASN A 160 -3.01 3.50 20.85
N GLY A 161 -3.78 2.67 20.15
CA GLY A 161 -3.64 2.43 18.71
C GLY A 161 -2.62 1.34 18.35
N SER A 162 -2.29 0.44 19.28
CA SER A 162 -1.29 -0.60 19.06
C SER A 162 -1.88 -1.75 18.23
N ASN A 163 -3.17 -1.99 18.45
CA ASN A 163 -3.97 -2.99 17.74
C ASN A 163 -3.96 -4.32 18.48
N TRP A 164 -3.22 -4.42 19.59
CA TRP A 164 -3.21 -5.68 20.34
C TRP A 164 -3.99 -5.56 21.65
N GLU A 165 -4.49 -6.71 22.12
CA GLU A 165 -5.44 -6.76 23.21
CA GLU A 165 -5.46 -6.79 23.19
C GLU A 165 -4.95 -7.73 24.29
N GLY A 166 -3.73 -8.24 24.13
CA GLY A 166 -3.22 -9.18 25.11
C GLY A 166 -1.77 -9.50 24.78
N ILE A 167 -1.17 -10.36 25.62
CA ILE A 167 0.26 -10.66 25.55
C ILE A 167 0.46 -12.17 25.65
N LEU A 168 1.36 -12.68 24.79
CA LEU A 168 1.71 -14.08 24.80
C LEU A 168 3.17 -14.18 25.25
N GLY A 169 3.35 -14.56 26.52
CA GLY A 169 4.68 -14.74 27.07
C GLY A 169 5.23 -16.12 26.68
N LEU A 170 6.34 -16.11 25.91
CA LEU A 170 6.85 -17.33 25.32
C LEU A 170 8.05 -17.90 26.07
N ALA A 171 8.46 -17.29 27.20
CA ALA A 171 9.61 -17.79 27.96
C ALA A 171 9.13 -18.86 28.93
N TYR A 172 9.97 -19.20 29.92
CA TYR A 172 9.79 -20.42 30.70
C TYR A 172 9.03 -20.16 32.00
N ALA A 173 8.55 -21.25 32.62
CA ALA A 173 7.71 -21.22 33.82
C ALA A 173 8.36 -20.47 34.98
N GLU A 174 9.70 -20.51 35.05
CA GLU A 174 10.41 -19.91 36.17
C GLU A 174 9.99 -18.46 36.42
N ILE A 175 9.65 -17.72 35.35
CA ILE A 175 9.36 -16.31 35.48
C ILE A 175 7.85 -16.01 35.33
N ALA A 176 7.03 -17.08 35.28
CA ALA A 176 5.58 -16.92 35.25
C ALA A 176 5.07 -16.38 36.59
N ARG A 177 3.99 -15.62 36.56
CA ARG A 177 3.32 -15.14 37.76
C ARG A 177 1.98 -15.87 37.84
N PRO A 178 1.50 -16.17 39.04
CA PRO A 178 2.07 -15.76 40.31
C PRO A 178 3.31 -16.57 40.70
N ASP A 179 3.45 -17.76 40.11
CA ASP A 179 4.61 -18.61 40.34
C ASP A 179 4.75 -19.62 39.20
N ASP A 180 5.75 -20.50 39.33
CA ASP A 180 6.15 -21.39 38.26
C ASP A 180 5.20 -22.57 38.11
N SER A 181 4.15 -22.66 38.95
CA SER A 181 3.17 -23.71 38.75
C SER A 181 2.17 -23.35 37.65
N LEU A 182 2.15 -22.09 37.19
CA LEU A 182 1.24 -21.72 36.11
C LEU A 182 1.91 -22.00 34.77
N GLU A 183 1.52 -23.11 34.16
CA GLU A 183 2.15 -23.60 32.94
C GLU A 183 2.00 -22.57 31.82
N PRO A 184 3.10 -22.07 31.18
CA PRO A 184 2.99 -21.12 30.06
C PRO A 184 2.37 -21.78 28.83
N PHE A 185 1.87 -20.93 27.91
CA PHE A 185 1.17 -21.36 26.72
C PHE A 185 1.98 -22.38 25.92
N PHE A 186 3.27 -22.08 25.69
CA PHE A 186 4.03 -22.92 24.76
C PHE A 186 4.25 -24.31 25.35
N ASP A 187 4.41 -24.37 26.69
CA ASP A 187 4.50 -25.64 27.42
C ASP A 187 3.23 -26.47 27.20
N SER A 188 2.06 -25.82 27.32
CA SER A 188 0.78 -26.48 27.14
C SER A 188 0.65 -27.03 25.71
N LEU A 189 1.04 -26.21 24.75
CA LEU A 189 0.91 -26.55 23.34
C LEU A 189 1.73 -27.80 23.03
N VAL A 190 2.96 -27.83 23.53
CA VAL A 190 3.86 -28.95 23.27
C VAL A 190 3.37 -30.20 23.98
N LYS A 191 2.88 -30.06 25.21
CA LYS A 191 2.43 -31.19 26.01
C LYS A 191 1.18 -31.84 25.41
N GLN A 192 0.29 -31.03 24.81
CA GLN A 192 -1.02 -31.52 24.40
C GLN A 192 -1.05 -31.95 22.93
N THR A 193 -0.02 -31.63 22.15
CA THR A 193 -0.05 -31.84 20.69
C THR A 193 1.25 -32.50 20.24
N HIS A 194 1.39 -32.71 18.91
CA HIS A 194 2.64 -33.25 18.39
C HIS A 194 3.54 -32.14 17.86
N VAL A 195 3.26 -30.88 18.25
CA VAL A 195 4.02 -29.74 17.75
C VAL A 195 5.44 -29.82 18.33
N PRO A 196 6.50 -29.79 17.49
CA PRO A 196 7.87 -29.81 17.99
C PRO A 196 8.17 -28.62 18.92
N ASN A 197 9.09 -28.86 19.86
CA ASN A 197 9.36 -27.92 20.94
C ASN A 197 10.34 -26.85 20.45
N LEU A 198 9.87 -26.01 19.52
CA LEU A 198 10.70 -25.00 18.86
CA LEU A 198 10.67 -24.91 19.00
C LEU A 198 9.78 -23.96 18.22
N PHE A 199 10.19 -22.68 18.24
CA PHE A 199 9.52 -21.70 17.40
C PHE A 199 10.58 -20.74 16.86
N SER A 200 10.22 -19.99 15.83
CA SER A 200 11.18 -19.08 15.22
C SER A 200 10.47 -17.77 14.87
N LEU A 201 11.21 -16.65 14.96
CA LEU A 201 10.64 -15.33 14.75
C LEU A 201 11.45 -14.57 13.69
N GLN A 202 10.72 -14.03 12.73
CA GLN A 202 11.27 -13.05 11.80
C GLN A 202 10.47 -11.77 12.00
N LEU A 203 11.05 -10.77 12.69
CA LEU A 203 10.41 -9.48 12.90
C LEU A 203 10.87 -8.54 11.78
N CYS A 204 9.91 -7.97 11.06
CA CYS A 204 10.23 -7.20 9.87
C CYS A 204 10.01 -5.71 10.11
N GLY A 205 11.12 -4.96 10.30
CA GLY A 205 11.04 -3.51 10.36
C GLY A 205 10.89 -2.94 8.95
N ALA A 206 10.05 -1.89 8.79
CA ALA A 206 9.76 -1.34 7.47
C ALA A 206 10.91 -0.45 6.98
N GLY A 207 11.62 0.16 7.94
CA GLY A 207 12.67 1.12 7.60
C GLY A 207 12.14 2.54 7.43
N PHE A 208 10.82 2.71 7.64
CA PHE A 208 10.13 3.99 7.60
C PHE A 208 8.92 3.90 8.53
N PRO A 209 8.30 5.04 8.94
CA PRO A 209 7.19 4.99 9.90
C PRO A 209 5.92 4.46 9.24
N LEU A 210 5.10 3.78 10.04
CA LEU A 210 3.78 3.33 9.66
C LEU A 210 2.76 3.90 10.64
N ASN A 211 1.68 4.47 10.12
CA ASN A 211 0.54 4.84 10.95
C ASN A 211 -0.28 3.60 11.31
N GLN A 212 -1.30 3.78 12.18
CA GLN A 212 -2.09 2.68 12.71
C GLN A 212 -2.76 1.87 11.59
N SER A 213 -3.24 2.56 10.54
CA SER A 213 -3.92 1.90 9.43
C SER A 213 -2.92 1.23 8.50
N GLU A 214 -1.68 1.73 8.47
CA GLU A 214 -0.63 1.15 7.65
C GLU A 214 -0.17 -0.16 8.28
N VAL A 215 -0.09 -0.20 9.63
CA VAL A 215 0.21 -1.41 10.39
C VAL A 215 -0.87 -2.45 10.09
N LEU A 216 -2.13 -2.01 10.06
CA LEU A 216 -3.23 -2.92 9.82
C LEU A 216 -3.07 -3.59 8.44
N ALA A 217 -2.59 -2.83 7.45
CA ALA A 217 -2.55 -3.32 6.08
C ALA A 217 -1.25 -4.08 5.78
N SER A 218 -0.23 -3.90 6.62
CA SER A 218 1.13 -4.34 6.32
C SER A 218 1.49 -5.62 7.07
N VAL A 219 2.31 -6.47 6.45
CA VAL A 219 2.86 -7.65 7.08
C VAL A 219 4.08 -7.25 7.92
N GLY A 220 4.11 -7.69 9.17
CA GLY A 220 5.19 -7.32 10.07
C GLY A 220 6.16 -8.47 10.38
N GLY A 221 5.93 -9.66 9.81
CA GLY A 221 6.87 -10.76 10.00
C GLY A 221 6.18 -12.10 10.18
N SER A 222 6.91 -13.08 10.73
CA SER A 222 6.43 -14.46 10.82
C SER A 222 6.81 -15.02 12.18
N MET A 223 5.87 -15.74 12.77
CA MET A 223 6.16 -16.61 13.88
C MET A 223 5.87 -18.04 13.44
N ILE A 224 6.93 -18.85 13.29
CA ILE A 224 6.79 -20.21 12.81
C ILE A 224 6.80 -21.10 14.04
N ILE A 225 5.65 -21.70 14.33
CA ILE A 225 5.46 -22.53 15.50
CA ILE A 225 5.49 -22.53 15.51
C ILE A 225 5.77 -23.97 15.10
N GLY A 226 6.79 -24.56 15.75
CA GLY A 226 7.18 -25.93 15.54
C GLY A 226 8.18 -26.15 14.41
N GLY A 227 8.79 -25.08 13.90
CA GLY A 227 9.73 -25.30 12.79
C GLY A 227 10.53 -24.07 12.41
N ILE A 228 11.36 -24.27 11.38
CA ILE A 228 12.28 -23.29 10.80
C ILE A 228 11.92 -23.17 9.31
N ASP A 229 11.58 -21.96 8.85
CA ASP A 229 11.24 -21.80 7.45
C ASP A 229 12.43 -21.21 6.69
N HIS A 230 12.97 -21.98 5.74
CA HIS A 230 14.23 -21.62 5.09
C HIS A 230 14.11 -20.40 4.19
N SER A 231 12.89 -19.97 3.84
CA SER A 231 12.70 -18.79 3.01
C SER A 231 12.94 -17.47 3.77
N LEU A 232 13.02 -17.54 5.11
CA LEU A 232 13.00 -16.31 5.91
C LEU A 232 14.42 -15.81 6.20
N TYR A 233 15.45 -16.54 5.75
CA TYR A 233 16.81 -16.13 6.05
C TYR A 233 17.75 -16.42 4.87
N THR A 234 18.93 -15.80 4.93
CA THR A 234 20.00 -16.08 3.97
C THR A 234 21.21 -16.54 4.77
N GLY A 235 22.12 -17.28 4.09
CA GLY A 235 23.33 -17.78 4.73
C GLY A 235 23.02 -18.85 5.77
N SER A 236 23.93 -19.01 6.74
CA SER A 236 23.87 -20.12 7.69
C SER A 236 23.23 -19.68 9.00
N LEU A 237 22.56 -20.62 9.68
CA LEU A 237 22.15 -20.44 11.07
C LEU A 237 23.29 -20.80 12.02
N TRP A 238 23.57 -19.90 12.97
CA TRP A 238 24.55 -20.14 14.02
C TRP A 238 23.85 -20.15 15.37
N TYR A 239 24.24 -21.08 16.23
CA TYR A 239 23.53 -21.32 17.48
C TYR A 239 24.39 -20.98 18.70
N THR A 240 23.75 -20.34 19.68
CA THR A 240 24.31 -20.03 20.98
C THR A 240 23.53 -20.84 22.02
N PRO A 241 24.17 -21.41 23.06
CA PRO A 241 23.43 -22.13 24.11
C PRO A 241 22.52 -21.22 24.90
N ILE A 242 21.35 -21.77 25.30
CA ILE A 242 20.54 -21.13 26.32
C ILE A 242 21.19 -21.48 27.65
N ARG A 243 21.66 -20.45 28.37
CA ARG A 243 22.47 -20.66 29.56
C ARG A 243 21.63 -21.31 30.65
N ARG A 244 20.41 -20.84 30.79
CA ARG A 244 19.45 -21.31 31.77
C ARG A 244 18.03 -21.03 31.25
N GLU A 245 17.09 -21.92 31.57
CA GLU A 245 15.74 -21.83 31.04
C GLU A 245 14.87 -21.01 32.01
N TRP A 246 14.84 -19.69 31.83
CA TRP A 246 13.99 -18.81 32.62
C TRP A 246 13.58 -17.77 31.58
N TYR A 247 14.44 -16.80 31.36
CA TYR A 247 14.31 -15.93 30.23
C TYR A 247 15.10 -16.73 29.18
N TYR A 248 15.10 -16.30 27.92
CA TYR A 248 16.02 -16.87 26.94
C TYR A 248 17.39 -16.24 27.15
N GLU A 249 18.15 -16.79 28.09
CA GLU A 249 19.41 -16.19 28.51
C GLU A 249 20.56 -16.71 27.65
N VAL A 250 21.42 -15.79 27.17
CA VAL A 250 22.59 -16.12 26.37
C VAL A 250 23.83 -15.44 26.97
N ILE A 251 25.01 -15.76 26.39
CA ILE A 251 26.26 -15.15 26.84
CA ILE A 251 26.30 -15.21 26.81
C ILE A 251 26.96 -14.45 25.67
N ILE A 252 27.20 -13.13 25.87
CA ILE A 252 27.95 -12.30 24.94
C ILE A 252 29.42 -12.28 25.36
N VAL A 253 30.34 -12.50 24.40
CA VAL A 253 31.73 -12.71 24.75
C VAL A 253 32.64 -11.59 24.24
N ARG A 254 32.15 -10.76 23.33
CA ARG A 254 32.92 -9.66 22.76
C ARG A 254 31.94 -8.68 22.11
N VAL A 255 32.29 -7.39 22.13
CA VAL A 255 31.49 -6.36 21.47
C VAL A 255 32.44 -5.51 20.63
N GLU A 256 32.08 -5.27 19.35
CA GLU A 256 32.85 -4.35 18.53
C GLU A 256 31.95 -3.25 17.97
N ILE A 257 32.54 -2.06 17.77
CA ILE A 257 31.91 -0.97 17.04
C ILE A 257 32.81 -0.68 15.83
N ASN A 258 32.30 -0.95 14.62
CA ASN A 258 33.08 -0.81 13.39
C ASN A 258 34.41 -1.56 13.52
N GLY A 259 34.34 -2.77 14.11
CA GLY A 259 35.51 -3.63 14.17
C GLY A 259 36.41 -3.34 15.36
N GLN A 260 36.15 -2.26 16.09
CA GLN A 260 36.99 -1.86 17.21
CA GLN A 260 37.00 -1.87 17.21
C GLN A 260 36.41 -2.48 18.47
N ASP A 261 37.25 -3.27 19.17
CA ASP A 261 36.87 -3.98 20.37
C ASP A 261 36.54 -2.95 21.46
N LEU A 262 35.37 -3.11 22.11
CA LEU A 262 34.98 -2.25 23.22
C LEU A 262 35.90 -2.51 24.42
N LYS A 263 36.50 -3.71 24.48
CA LYS A 263 37.61 -4.06 25.35
C LYS A 263 37.23 -4.01 26.83
N MET A 264 35.98 -4.39 27.13
CA MET A 264 35.57 -4.52 28.52
C MET A 264 35.70 -5.98 28.93
N ASP A 265 35.87 -6.22 30.24
CA ASP A 265 35.80 -7.56 30.81
C ASP A 265 34.45 -8.15 30.40
N CYS A 266 34.44 -9.37 29.85
CA CYS A 266 33.23 -9.88 29.20
C CYS A 266 32.09 -10.09 30.20
N LYS A 267 32.38 -10.21 31.50
CA LYS A 267 31.31 -10.29 32.49
C LYS A 267 30.42 -9.04 32.44
N GLU A 268 31.00 -7.88 32.08
CA GLU A 268 30.25 -6.64 32.06
C GLU A 268 29.10 -6.71 31.05
N TYR A 269 29.31 -7.42 29.95
CA TYR A 269 28.34 -7.51 28.88
C TYR A 269 27.10 -8.31 29.32
N ASN A 270 27.27 -9.15 30.36
CA ASN A 270 26.22 -10.07 30.79
C ASN A 270 25.81 -9.77 32.23
N TYR A 271 26.02 -8.53 32.67
CA TYR A 271 25.74 -8.18 34.06
C TYR A 271 24.37 -7.51 34.14
N ASP A 272 23.36 -8.16 34.76
CA ASP A 272 23.40 -9.42 35.50
C ASP A 272 22.89 -10.60 34.68
N LYS A 273 22.46 -10.35 33.44
CA LYS A 273 22.06 -11.40 32.50
C LYS A 273 22.01 -10.77 31.11
N SER A 274 22.03 -11.59 30.07
CA SER A 274 21.76 -11.14 28.71
C SER A 274 20.62 -12.00 28.14
N ILE A 275 19.58 -11.36 27.58
CA ILE A 275 18.41 -12.12 27.14
C ILE A 275 18.01 -11.65 25.74
N VAL A 276 17.20 -12.49 25.06
CA VAL A 276 16.60 -12.17 23.76
C VAL A 276 15.11 -11.92 24.02
N ASP A 277 14.62 -10.69 23.72
CA ASP A 277 13.31 -10.23 24.20
C ASP A 277 12.52 -9.43 23.15
N SER A 278 11.54 -10.07 22.49
CA SER A 278 10.76 -9.42 21.44
C SER A 278 9.82 -8.35 21.97
N GLY A 279 9.53 -8.37 23.28
CA GLY A 279 8.62 -7.39 23.86
C GLY A 279 9.30 -6.09 24.31
N THR A 280 10.62 -6.00 24.14
CA THR A 280 11.38 -4.78 24.40
C THR A 280 11.73 -4.17 23.05
N THR A 281 11.62 -2.85 22.93
CA THR A 281 11.91 -2.20 21.65
C THR A 281 13.43 -2.17 21.40
N ASN A 282 14.17 -1.65 22.38
CA ASN A 282 15.55 -1.26 22.13
C ASN A 282 16.54 -2.40 22.34
N LEU A 283 17.77 -2.21 21.84
CA LEU A 283 18.92 -2.91 22.41
C LEU A 283 19.24 -2.19 23.72
N ARG A 284 19.12 -2.90 24.84
CA ARG A 284 19.43 -2.30 26.12
C ARG A 284 20.73 -2.91 26.64
N LEU A 285 21.62 -2.04 27.12
CA LEU A 285 22.93 -2.48 27.56
C LEU A 285 23.13 -2.08 29.02
N PRO A 286 23.87 -2.88 29.83
CA PRO A 286 24.18 -2.49 31.21
C PRO A 286 24.85 -1.12 31.20
N LYS A 287 24.57 -0.33 32.25
CA LYS A 287 25.02 1.05 32.37
C LYS A 287 26.45 1.30 31.90
N LYS A 288 27.43 0.52 32.39
CA LYS A 288 28.82 0.81 32.06
CA LYS A 288 28.85 0.73 32.07
C LYS A 288 29.12 0.47 30.59
N VAL A 289 28.46 -0.57 30.06
CA VAL A 289 28.61 -0.97 28.66
C VAL A 289 27.95 0.08 27.77
N PHE A 290 26.77 0.57 28.18
CA PHE A 290 26.09 1.64 27.46
C PHE A 290 27.00 2.87 27.35
N GLU A 291 27.62 3.26 28.47
CA GLU A 291 28.45 4.46 28.47
C GLU A 291 29.64 4.30 27.50
N ALA A 292 30.26 3.12 27.49
CA ALA A 292 31.42 2.86 26.64
C ALA A 292 31.02 2.78 25.17
N ALA A 293 29.90 2.07 24.89
CA ALA A 293 29.38 1.94 23.53
C ALA A 293 29.00 3.30 22.95
N VAL A 294 28.27 4.12 23.70
CA VAL A 294 27.83 5.42 23.22
CA VAL A 294 27.83 5.39 23.14
C VAL A 294 29.04 6.30 22.90
N LYS A 295 30.06 6.24 23.75
CA LYS A 295 31.26 7.02 23.49
C LYS A 295 31.87 6.60 22.14
N SER A 296 31.95 5.28 21.92
CA SER A 296 32.50 4.74 20.69
C SER A 296 31.62 5.05 19.47
N ILE A 297 30.29 4.99 19.63
CA ILE A 297 29.40 5.32 18.51
C ILE A 297 29.48 6.81 18.17
N LYS A 298 29.54 7.67 19.20
CA LYS A 298 29.75 9.10 18.98
C LYS A 298 31.04 9.38 18.21
N ALA A 299 32.11 8.66 18.60
CA ALA A 299 33.42 8.89 17.99
C ALA A 299 33.38 8.47 16.52
N ALA A 300 32.71 7.34 16.22
CA ALA A 300 32.62 6.85 14.85
C ALA A 300 31.81 7.79 13.95
N SER A 301 30.79 8.44 14.52
CA SER A 301 29.85 9.29 13.79
C SER A 301 30.19 10.78 13.92
N SER A 302 31.44 11.09 14.30
CA SER A 302 31.78 12.42 14.80
C SER A 302 31.76 13.51 13.72
N THR A 303 31.60 13.12 12.45
CA THR A 303 31.49 14.10 11.37
CA THR A 303 31.48 14.09 11.37
C THR A 303 30.18 14.89 11.50
N GLU A 304 29.23 14.39 12.31
CA GLU A 304 28.02 15.12 12.63
C GLU A 304 27.86 15.12 14.14
N LYS A 305 27.39 16.25 14.68
CA LYS A 305 27.13 16.39 16.11
C LYS A 305 25.63 16.25 16.35
N PHE A 306 25.27 15.39 17.31
CA PHE A 306 23.89 15.15 17.70
C PHE A 306 23.69 15.62 19.14
N PRO A 307 22.51 16.16 19.47
CA PRO A 307 22.24 16.63 20.83
C PRO A 307 22.20 15.48 21.83
N ASP A 308 22.43 15.81 23.11
CA ASP A 308 22.42 14.81 24.17
C ASP A 308 21.10 14.05 24.21
N GLY A 309 19.98 14.74 23.94
CA GLY A 309 18.66 14.13 23.96
C GLY A 309 18.51 13.00 22.92
N PHE A 310 19.27 13.09 21.83
CA PHE A 310 19.27 12.03 20.83
C PHE A 310 19.92 10.76 21.39
N TRP A 311 21.10 10.92 21.99
CA TRP A 311 21.85 9.78 22.50
C TRP A 311 21.15 9.15 23.71
N LEU A 312 20.32 9.93 24.42
CA LEU A 312 19.54 9.43 25.54
C LEU A 312 18.25 8.76 25.07
N GLY A 313 18.02 8.68 23.76
CA GLY A 313 16.89 7.93 23.21
C GLY A 313 15.55 8.69 23.28
N GLU A 314 15.60 9.99 23.62
CA GLU A 314 14.41 10.77 23.91
C GLU A 314 13.96 11.60 22.70
N GLN A 315 14.93 12.10 21.93
CA GLN A 315 14.69 13.12 20.94
CA GLN A 315 14.73 13.13 20.94
C GLN A 315 14.97 12.55 19.55
N LEU A 316 14.09 12.88 18.60
CA LEU A 316 14.31 12.42 17.24
C LEU A 316 15.32 13.33 16.55
N VAL A 317 15.96 12.79 15.51
CA VAL A 317 16.78 13.53 14.56
CA VAL A 317 16.70 13.63 14.58
C VAL A 317 16.14 13.38 13.18
N CYS A 318 16.22 14.41 12.34
CA CYS A 318 15.57 14.37 11.04
C CYS A 318 16.54 14.82 9.96
N TRP A 319 16.45 14.15 8.80
CA TRP A 319 17.20 14.54 7.61
C TRP A 319 16.23 14.76 6.46
N GLN A 320 16.65 15.59 5.50
CA GLN A 320 15.87 15.77 4.28
C GLN A 320 15.64 14.39 3.63
N ALA A 321 14.44 14.22 3.02
CA ALA A 321 14.00 12.96 2.44
C ALA A 321 15.13 12.29 1.64
N GLY A 322 15.46 11.05 2.00
CA GLY A 322 16.37 10.24 1.22
C GLY A 322 17.85 10.47 1.55
N THR A 323 18.15 11.42 2.45
CA THR A 323 19.54 11.82 2.66
C THR A 323 20.13 11.31 3.98
N THR A 324 19.45 10.37 4.66
CA THR A 324 19.97 9.84 5.93
C THR A 324 21.40 9.36 5.71
N PRO A 325 22.41 9.85 6.47
CA PRO A 325 23.81 9.50 6.25
C PRO A 325 24.21 8.18 6.93
N TRP A 326 23.56 7.09 6.51
CA TRP A 326 23.81 5.78 7.08
C TRP A 326 25.32 5.50 7.24
N ASN A 327 26.12 5.88 6.23
CA ASN A 327 27.54 5.55 6.18
C ASN A 327 28.36 6.16 7.32
N ILE A 328 27.89 7.23 7.98
CA ILE A 328 28.68 7.84 9.06
C ILE A 328 28.51 7.08 10.36
N PHE A 329 27.43 6.29 10.46
CA PHE A 329 27.17 5.50 11.67
C PHE A 329 27.82 4.13 11.55
N PRO A 330 28.39 3.60 12.67
CA PRO A 330 29.11 2.33 12.66
C PRO A 330 28.20 1.11 12.70
N VAL A 331 28.73 -0.02 12.23
CA VAL A 331 28.09 -1.31 12.51
C VAL A 331 28.44 -1.73 13.94
N ILE A 332 27.58 -2.57 14.53
CA ILE A 332 27.78 -3.07 15.89
C ILE A 332 27.78 -4.60 15.80
N SER A 333 28.84 -5.23 16.33
CA SER A 333 28.93 -6.68 16.35
C SER A 333 28.85 -7.17 17.79
N LEU A 334 28.00 -8.17 18.00
CA LEU A 334 27.95 -8.88 19.27
C LEU A 334 28.43 -10.30 18.98
N TYR A 335 29.46 -10.74 19.73
CA TYR A 335 29.93 -12.12 19.60
C TYR A 335 29.25 -12.94 20.69
N LEU A 336 28.73 -14.10 20.29
CA LEU A 336 28.00 -14.97 21.21
C LEU A 336 28.76 -16.29 21.34
N MET A 337 28.66 -16.90 22.53
CA MET A 337 29.21 -18.22 22.78
C MET A 337 28.64 -19.22 21.76
N GLY A 338 29.52 -20.03 21.17
CA GLY A 338 29.08 -21.04 20.22
C GLY A 338 28.75 -22.36 20.93
N GLU A 339 28.35 -23.35 20.13
CA GLU A 339 27.99 -24.67 20.64
C GLU A 339 29.23 -25.54 20.85
N VAL A 340 30.30 -25.24 20.10
CA VAL A 340 31.54 -26.01 20.13
C VAL A 340 32.49 -25.35 21.13
N THR A 341 33.23 -26.17 21.89
CA THR A 341 34.18 -25.67 22.87
C THR A 341 35.12 -24.66 22.20
N ASN A 342 35.30 -23.52 22.87
CA ASN A 342 36.25 -22.48 22.48
C ASN A 342 35.87 -21.78 21.17
N GLN A 343 34.62 -21.89 20.72
CA GLN A 343 34.22 -21.24 19.48
C GLN A 343 33.14 -20.20 19.77
N SER A 344 33.23 -19.04 19.08
CA SER A 344 32.18 -18.04 19.10
C SER A 344 31.75 -17.70 17.68
N PHE A 345 30.67 -16.93 17.53
CA PHE A 345 30.29 -16.37 16.24
C PHE A 345 29.83 -14.95 16.52
N ARG A 346 29.63 -14.15 15.47
CA ARG A 346 29.21 -12.78 15.69
C ARG A 346 27.95 -12.49 14.87
N ILE A 347 27.14 -11.59 15.42
CA ILE A 347 26.03 -10.99 14.70
C ILE A 347 26.36 -9.51 14.57
N THR A 348 26.13 -8.96 13.37
CA THR A 348 26.46 -7.58 13.08
C THR A 348 25.20 -6.86 12.59
N ILE A 349 24.87 -5.73 13.23
CA ILE A 349 23.73 -4.93 12.84
C ILE A 349 24.21 -3.61 12.29
N LEU A 350 23.31 -2.98 11.52
CA LEU A 350 23.57 -1.71 10.87
C LEU A 350 22.85 -0.61 11.63
N PRO A 351 23.15 0.68 11.37
CA PRO A 351 22.31 1.78 11.86
C PRO A 351 20.85 1.65 11.39
N GLN A 352 20.63 0.95 10.25
CA GLN A 352 19.26 0.72 9.79
C GLN A 352 18.46 -0.10 10.80
N GLN A 353 19.15 -0.83 11.69
CA GLN A 353 18.51 -1.52 12.80
C GLN A 353 18.42 -0.64 14.05
N TYR A 354 19.52 0.03 14.44
CA TYR A 354 19.53 0.68 15.73
C TYR A 354 19.01 2.13 15.70
N LEU A 355 18.73 2.67 14.50
CA LEU A 355 18.00 3.94 14.37
C LEU A 355 16.55 3.61 14.01
N ARG A 356 15.62 3.93 14.92
CA ARG A 356 14.25 3.48 14.77
C ARG A 356 13.46 4.57 14.06
N PRO A 357 12.82 4.31 12.89
CA PRO A 357 12.06 5.34 12.18
C PRO A 357 10.86 5.80 13.01
N VAL A 358 10.67 7.13 13.09
CA VAL A 358 9.54 7.73 13.80
C VAL A 358 8.95 8.84 12.92
N GLU A 359 7.69 9.18 13.18
CA GLU A 359 7.06 10.27 12.45
C GLU A 359 7.57 11.60 13.02
N ASP A 360 7.72 12.58 12.13
CA ASP A 360 8.14 13.92 12.49
C ASP A 360 7.11 14.52 13.43
N VAL A 361 7.60 15.31 14.40
CA VAL A 361 6.77 16.00 15.38
C VAL A 361 5.95 17.10 14.69
N ALA A 362 6.36 17.49 13.47
CA ALA A 362 5.62 18.41 12.61
C ALA A 362 5.60 17.86 11.18
N THR A 363 4.48 18.08 10.47
CA THR A 363 4.21 17.50 9.17
C THR A 363 5.29 17.89 8.15
N SER A 364 6.06 16.89 7.70
CA SER A 364 7.16 17.07 6.76
C SER A 364 7.41 15.78 5.96
N GLN A 365 8.29 15.89 4.95
CA GLN A 365 8.72 14.74 4.16
C GLN A 365 10.08 14.25 4.66
N ASP A 366 10.54 14.78 5.80
CA ASP A 366 11.83 14.39 6.36
C ASP A 366 11.82 12.92 6.78
N ASP A 367 13.00 12.29 6.73
CA ASP A 367 13.21 10.98 7.33
C ASP A 367 13.74 11.17 8.75
N CYS A 368 13.00 10.68 9.76
CA CYS A 368 13.28 10.92 11.17
C CYS A 368 13.43 9.61 11.94
N TYR A 369 14.31 9.63 12.95
CA TYR A 369 14.64 8.44 13.71
C TYR A 369 14.96 8.77 15.17
N LYS A 370 14.78 7.77 16.04
CA LYS A 370 15.27 7.84 17.41
C LYS A 370 16.40 6.82 17.55
N PHE A 371 17.33 7.11 18.46
CA PHE A 371 18.39 6.16 18.79
C PHE A 371 17.82 5.05 19.68
N ALA A 372 17.93 3.79 19.22
CA ALA A 372 17.23 2.68 19.86
C ALA A 372 18.20 1.78 20.61
N ILE A 373 19.23 2.40 21.21
CA ILE A 373 20.09 1.74 22.19
C ILE A 373 19.96 2.56 23.47
N SER A 374 19.76 1.86 24.60
CA SER A 374 19.51 2.57 25.84
C SER A 374 20.10 1.78 27.02
N GLN A 375 20.17 2.44 28.17
CA GLN A 375 20.79 1.92 29.37
CA GLN A 375 20.82 1.86 29.34
C GLN A 375 19.83 0.95 30.07
N SER A 376 20.40 -0.04 30.77
CA SER A 376 19.64 -1.01 31.56
C SER A 376 20.34 -1.17 32.91
N SER A 377 19.54 -1.47 33.95
CA SER A 377 20.08 -1.90 35.24
C SER A 377 19.74 -3.37 35.49
N THR A 378 19.18 -4.04 34.48
CA THR A 378 18.76 -5.44 34.59
C THR A 378 19.42 -6.29 33.49
N GLY A 379 20.58 -5.87 33.01
CA GLY A 379 21.35 -6.68 32.06
C GLY A 379 21.11 -6.28 30.60
N THR A 380 21.75 -7.02 29.69
CA THR A 380 21.59 -6.77 28.26
C THR A 380 20.24 -7.30 27.79
N VAL A 381 19.53 -6.50 26.97
CA VAL A 381 18.29 -6.98 26.35
C VAL A 381 18.41 -6.82 24.85
N MET A 382 18.43 -7.95 24.15
CA MET A 382 18.42 -7.93 22.69
C MET A 382 16.96 -7.81 22.23
N GLY A 383 16.52 -6.57 22.09
CA GLY A 383 15.11 -6.26 21.82
C GLY A 383 14.79 -6.32 20.33
N ALA A 384 13.59 -5.83 20.01
CA ALA A 384 13.02 -5.93 18.67
C ALA A 384 13.91 -5.30 17.61
N VAL A 385 14.58 -4.17 17.92
CA VAL A 385 15.35 -3.50 16.88
C VAL A 385 16.55 -4.35 16.45
N ILE A 386 17.11 -5.18 17.36
CA ILE A 386 18.17 -6.11 16.99
C ILE A 386 17.59 -7.36 16.33
N MET A 387 16.45 -7.86 16.84
CA MET A 387 15.83 -9.04 16.25
C MET A 387 15.38 -8.78 14.80
N GLU A 388 15.13 -7.51 14.44
CA GLU A 388 14.75 -7.14 13.07
C GLU A 388 15.86 -7.42 12.05
N GLY A 389 17.09 -7.56 12.53
CA GLY A 389 18.19 -7.89 11.64
C GLY A 389 18.21 -9.37 11.23
N PHE A 390 17.54 -10.22 12.03
CA PHE A 390 17.87 -11.63 12.03
C PHE A 390 16.61 -12.49 12.08
N TYR A 391 16.73 -13.69 11.52
CA TYR A 391 15.77 -14.74 11.82
C TYR A 391 16.28 -15.44 13.06
N VAL A 392 15.42 -15.57 14.10
CA VAL A 392 15.87 -16.05 15.39
C VAL A 392 15.09 -17.33 15.70
N VAL A 393 15.83 -18.41 15.96
CA VAL A 393 15.27 -19.72 16.20
C VAL A 393 15.38 -20.02 17.70
N PHE A 394 14.22 -20.21 18.33
CA PHE A 394 14.18 -20.52 19.75
C PHE A 394 14.03 -22.03 19.87
N ASP A 395 15.18 -22.72 19.84
CA ASP A 395 15.24 -24.18 19.83
C ASP A 395 15.25 -24.68 21.27
N ARG A 396 14.05 -24.75 21.85
CA ARG A 396 13.87 -25.16 23.24
C ARG A 396 14.31 -26.61 23.42
N ALA A 397 14.04 -27.46 22.42
CA ALA A 397 14.32 -28.88 22.48
C ALA A 397 15.82 -29.14 22.68
N ARG A 398 16.66 -28.32 22.06
CA ARG A 398 18.10 -28.51 22.13
C ARG A 398 18.76 -27.40 22.96
N LYS A 399 17.96 -26.61 23.67
CA LYS A 399 18.44 -25.59 24.60
C LYS A 399 19.42 -24.64 23.91
N ARG A 400 19.00 -24.05 22.78
CA ARG A 400 19.88 -23.20 22.00
C ARG A 400 19.06 -22.17 21.22
N ILE A 401 19.71 -21.05 20.88
CA ILE A 401 19.11 -19.98 20.09
CA ILE A 401 19.07 -20.03 20.06
C ILE A 401 19.92 -19.85 18.80
N GLY A 402 19.24 -19.88 17.65
CA GLY A 402 19.90 -19.73 16.36
C GLY A 402 19.67 -18.33 15.77
N PHE A 403 20.70 -17.83 15.06
CA PHE A 403 20.63 -16.54 14.40
C PHE A 403 21.10 -16.72 12.96
N ALA A 404 20.32 -16.14 12.04
CA ALA A 404 20.70 -16.02 10.64
C ALA A 404 20.27 -14.65 10.14
N VAL A 405 20.96 -14.14 9.11
CA VAL A 405 20.57 -12.87 8.51
C VAL A 405 19.12 -12.96 8.00
N SER A 406 18.31 -11.96 8.34
CA SER A 406 16.90 -11.96 7.93
C SER A 406 16.78 -11.62 6.44
N ALA A 407 15.89 -12.34 5.75
CA ALA A 407 15.54 -11.99 4.39
C ALA A 407 14.82 -10.64 4.30
N CYS A 408 14.34 -10.09 5.43
CA CYS A 408 13.60 -8.84 5.38
C CYS A 408 14.32 -7.68 6.08
N HIS A 409 15.63 -7.81 6.36
CA HIS A 409 16.29 -6.73 7.09
C HIS A 409 16.50 -5.54 6.18
N VAL A 410 16.46 -4.34 6.78
CA VAL A 410 16.67 -3.09 6.06
C VAL A 410 18.18 -2.88 5.92
N HIS A 411 18.62 -2.51 4.72
CA HIS A 411 20.03 -2.22 4.51
C HIS A 411 20.19 -1.23 3.36
N ASP A 412 21.43 -1.01 2.91
CA ASP A 412 21.70 -0.15 1.75
C ASP A 412 22.57 -0.94 0.77
N GLU A 413 23.01 -0.29 -0.32
CA GLU A 413 23.76 -1.00 -1.36
CA GLU A 413 23.75 -1.00 -1.36
C GLU A 413 25.17 -1.34 -0.87
N PHE A 414 25.61 -0.73 0.23
CA PHE A 414 27.02 -0.86 0.59
C PHE A 414 27.30 -1.86 1.72
N ARG A 415 26.30 -2.13 2.57
CA ARG A 415 26.51 -2.93 3.77
C ARG A 415 25.22 -3.69 4.07
N THR A 416 25.38 -4.88 4.66
CA THR A 416 24.25 -5.70 5.10
CA THR A 416 24.28 -5.73 5.09
C THR A 416 24.55 -6.18 6.53
N ALA A 417 23.48 -6.59 7.22
CA ALA A 417 23.64 -7.34 8.46
C ALA A 417 24.34 -8.67 8.15
N ALA A 418 24.96 -9.27 9.17
CA ALA A 418 25.77 -10.47 8.98
C ALA A 418 25.71 -11.36 10.22
N VAL A 419 25.85 -12.67 9.96
CA VAL A 419 26.12 -13.65 11.00
C VAL A 419 27.31 -14.48 10.51
N GLU A 420 28.42 -14.45 11.26
CA GLU A 420 29.67 -14.99 10.75
C GLU A 420 30.37 -15.76 11.86
N GLY A 421 31.10 -16.81 11.45
CA GLY A 421 32.00 -17.52 12.37
C GLY A 421 32.75 -18.62 11.63
N PRO A 422 33.53 -19.43 12.35
CA PRO A 422 33.71 -19.34 13.79
C PRO A 422 34.92 -18.48 14.18
N PHE A 423 34.98 -18.11 15.45
CA PHE A 423 36.15 -17.46 16.02
C PHE A 423 36.65 -18.24 17.22
N VAL A 424 37.96 -18.33 17.36
CA VAL A 424 38.51 -18.96 18.55
C VAL A 424 38.43 -17.99 19.73
N THR A 425 37.73 -18.42 20.78
CA THR A 425 37.47 -17.60 21.96
C THR A 425 37.60 -18.47 23.21
N LEU A 426 38.49 -18.06 24.13
CA LEU A 426 38.77 -18.86 25.32
C LEU A 426 37.98 -18.34 26.52
N ASP A 427 37.81 -19.22 27.52
CA ASP A 427 37.29 -18.91 28.85
C ASP A 427 35.92 -18.24 28.79
N MET A 428 35.04 -18.74 27.92
CA MET A 428 33.77 -18.08 27.64
C MET A 428 32.77 -18.26 28.79
N GLU A 429 32.89 -19.37 29.54
CA GLU A 429 32.03 -19.63 30.69
C GLU A 429 32.21 -18.52 31.75
N ASP A 430 33.42 -17.92 31.80
CA ASP A 430 33.77 -16.87 32.75
C ASP A 430 33.01 -15.57 32.44
N CYS A 431 32.41 -15.48 31.25
CA CYS A 431 31.69 -14.28 30.83
C CYS A 431 30.32 -14.21 31.50
N GLY A 432 29.83 -15.36 31.97
CA GLY A 432 28.53 -15.45 32.60
C GLY A 432 28.58 -14.88 34.01
N TYR A 433 27.55 -14.11 34.38
CA TYR A 433 27.48 -13.54 35.72
C TYR A 433 26.77 -14.51 36.66
N ASN A 434 27.28 -14.58 37.91
CA ASN A 434 26.68 -15.40 38.94
C ASN A 434 26.17 -14.50 40.08
N GLY B 46 -10.56 30.98 -11.35
CA GLY B 46 -11.08 30.39 -12.62
C GLY B 46 -10.08 30.47 -13.77
N SER B 47 -8.79 30.62 -13.43
CA SER B 47 -7.69 30.73 -14.38
C SER B 47 -6.45 30.01 -13.85
N PHE B 48 -6.02 28.96 -14.58
CA PHE B 48 -4.96 28.06 -14.16
C PHE B 48 -4.00 27.83 -15.33
N VAL B 49 -3.34 28.91 -15.76
CA VAL B 49 -2.58 28.97 -17.00
C VAL B 49 -1.45 27.95 -17.00
N GLU B 50 -0.85 27.69 -15.82
CA GLU B 50 0.21 26.73 -15.65
C GLU B 50 -0.24 25.33 -16.08
N MET B 51 -1.54 25.04 -15.97
CA MET B 51 -2.02 23.69 -16.22
C MET B 51 -2.74 23.55 -17.56
N VAL B 52 -3.10 24.67 -18.18
CA VAL B 52 -3.72 24.60 -19.50
C VAL B 52 -2.72 24.00 -20.50
N ASP B 53 -3.24 23.09 -21.34
CA ASP B 53 -2.49 22.45 -22.42
C ASP B 53 -1.43 21.47 -21.87
N ASN B 54 -1.69 20.85 -20.71
CA ASN B 54 -0.70 19.96 -20.11
C ASN B 54 -0.88 18.49 -20.55
N LEU B 55 -1.89 18.19 -21.40
CA LEU B 55 -2.10 16.83 -21.86
C LEU B 55 -1.66 16.65 -23.31
N ARG B 56 -1.28 15.41 -23.67
CA ARG B 56 -1.09 15.01 -25.05
C ARG B 56 -1.75 13.65 -25.28
N GLY B 57 -1.97 13.30 -26.55
CA GLY B 57 -2.51 12.00 -26.90
C GLY B 57 -3.78 12.12 -27.74
N LYS B 58 -4.55 11.03 -27.74
CA LYS B 58 -5.75 10.93 -28.56
C LYS B 58 -6.64 9.83 -27.99
N SER B 59 -7.89 9.76 -28.46
CA SER B 59 -8.86 8.87 -27.83
C SER B 59 -8.45 7.40 -27.94
N GLY B 60 -7.79 7.02 -29.05
CA GLY B 60 -7.47 5.63 -29.33
C GLY B 60 -6.36 5.06 -28.44
N GLN B 61 -5.35 5.90 -28.13
CA GLN B 61 -4.20 5.43 -27.37
CA GLN B 61 -4.15 5.51 -27.39
C GLN B 61 -4.17 6.05 -25.97
N GLY B 62 -5.09 6.97 -25.69
CA GLY B 62 -5.19 7.62 -24.38
C GLY B 62 -4.49 8.99 -24.33
N TYR B 63 -4.91 9.79 -23.34
CA TYR B 63 -4.33 11.10 -23.06
C TYR B 63 -3.41 11.02 -21.85
N TYR B 64 -2.25 11.67 -21.92
CA TYR B 64 -1.30 11.51 -20.83
C TYR B 64 -0.77 12.86 -20.37
N VAL B 65 -0.23 12.87 -19.14
CA VAL B 65 0.37 14.02 -18.49
C VAL B 65 1.79 13.64 -18.07
N GLU B 66 2.69 14.64 -18.06
CA GLU B 66 4.05 14.42 -17.60
CA GLU B 66 4.06 14.46 -17.60
C GLU B 66 4.06 14.40 -16.08
N MET B 67 4.78 13.43 -15.50
CA MET B 67 4.96 13.38 -14.05
C MET B 67 6.43 13.10 -13.76
N THR B 68 6.85 13.38 -12.51
CA THR B 68 8.17 12.90 -12.12
C THR B 68 8.02 12.02 -10.89
N VAL B 69 8.90 11.01 -10.79
CA VAL B 69 8.91 10.11 -9.65
CA VAL B 69 8.91 10.08 -9.68
C VAL B 69 10.34 9.99 -9.17
N GLY B 70 10.53 9.96 -7.85
CA GLY B 70 11.83 9.65 -7.29
C GLY B 70 12.72 10.87 -7.06
N SER B 71 13.87 10.61 -6.42
CA SER B 71 14.91 11.61 -6.15
C SER B 71 16.28 11.06 -6.57
N PRO B 72 16.96 11.72 -7.53
CA PRO B 72 16.47 12.85 -8.32
C PRO B 72 15.29 12.48 -9.21
N PRO B 73 14.50 13.48 -9.68
CA PRO B 73 13.26 13.19 -10.43
C PRO B 73 13.49 12.44 -11.74
N GLN B 74 12.69 11.38 -11.95
CA GLN B 74 12.65 10.63 -13.19
C GLN B 74 11.36 11.01 -13.91
N THR B 75 11.50 11.59 -15.12
CA THR B 75 10.34 12.03 -15.88
C THR B 75 9.69 10.84 -16.59
N LEU B 76 8.37 10.69 -16.43
CA LEU B 76 7.60 9.70 -17.17
C LEU B 76 6.29 10.35 -17.67
N ASN B 77 5.79 9.85 -18.80
CA ASN B 77 4.48 10.24 -19.29
C ASN B 77 3.45 9.23 -18.80
N ILE B 78 2.32 9.73 -18.29
CA ILE B 78 1.41 8.87 -17.53
C ILE B 78 -0.01 9.07 -18.07
N LEU B 79 -0.63 7.96 -18.49
CA LEU B 79 -2.02 7.91 -18.96
C LEU B 79 -2.98 8.36 -17.85
N VAL B 80 -3.91 9.27 -18.20
CA VAL B 80 -4.92 9.75 -17.29
C VAL B 80 -6.15 8.85 -17.40
N ASP B 81 -6.47 8.12 -16.32
CA ASP B 81 -7.55 7.14 -16.34
C ASP B 81 -8.54 7.36 -15.19
N THR B 82 -9.73 7.90 -15.51
CA THR B 82 -10.75 8.08 -14.49
C THR B 82 -11.51 6.78 -14.20
N GLY B 83 -11.18 5.69 -14.90
CA GLY B 83 -11.85 4.40 -14.72
C GLY B 83 -11.06 3.40 -13.88
N SER B 84 -9.98 3.83 -13.20
CA SER B 84 -9.21 2.95 -12.30
C SER B 84 -8.60 3.78 -11.19
N SER B 85 -7.90 3.14 -10.23
CA SER B 85 -7.50 3.85 -9.01
C SER B 85 -6.07 3.56 -8.57
N ASN B 86 -5.28 2.90 -9.43
CA ASN B 86 -3.88 2.65 -9.12
C ASN B 86 -2.97 3.58 -9.91
N PHE B 87 -1.88 4.03 -9.27
CA PHE B 87 -0.76 4.68 -9.94
C PHE B 87 0.31 3.62 -10.20
N ALA B 88 0.57 3.32 -11.49
CA ALA B 88 1.42 2.19 -11.83
C ALA B 88 2.28 2.60 -13.02
N VAL B 89 3.57 2.26 -12.95
CA VAL B 89 4.53 2.74 -13.94
C VAL B 89 5.43 1.59 -14.38
N GLY B 90 5.78 1.56 -15.67
CA GLY B 90 6.77 0.59 -16.13
C GLY B 90 8.06 0.73 -15.32
N ALA B 91 8.61 -0.40 -14.86
CA ALA B 91 9.76 -0.39 -13.97
C ALA B 91 10.79 -1.43 -14.40
N ALA B 92 10.65 -1.92 -15.63
CA ALA B 92 11.57 -2.90 -16.20
C ALA B 92 11.50 -2.76 -17.71
N PRO B 93 12.56 -3.15 -18.46
CA PRO B 93 12.56 -3.03 -19.93
C PRO B 93 11.37 -3.70 -20.58
N HIS B 94 10.81 -3.03 -21.59
CA HIS B 94 9.76 -3.58 -22.42
C HIS B 94 9.99 -3.08 -23.84
N PRO B 95 9.71 -3.89 -24.89
CA PRO B 95 9.90 -3.46 -26.28
C PRO B 95 9.26 -2.11 -26.62
N PHE B 96 8.16 -1.77 -25.94
CA PHE B 96 7.43 -0.54 -26.24
C PHE B 96 7.75 0.60 -25.26
N LEU B 97 8.68 0.40 -24.31
CA LEU B 97 9.08 1.47 -23.40
C LEU B 97 10.45 1.99 -23.81
N HIS B 98 10.56 3.31 -23.94
CA HIS B 98 11.85 3.97 -24.16
C HIS B 98 12.46 4.40 -22.83
N ARG B 99 11.66 4.43 -21.76
CA ARG B 99 12.18 4.71 -20.43
C ARG B 99 11.25 4.08 -19.39
N TYR B 100 11.76 3.92 -18.15
CA TYR B 100 11.02 3.26 -17.10
C TYR B 100 11.56 3.71 -15.74
N TYR B 101 10.77 3.49 -14.69
CA TYR B 101 11.13 3.88 -13.35
C TYR B 101 12.23 2.95 -12.84
N GLN B 102 13.32 3.55 -12.38
CA GLN B 102 14.46 2.82 -11.83
C GLN B 102 14.54 3.07 -10.33
N ARG B 103 13.97 2.15 -9.55
CA ARG B 103 13.81 2.31 -8.11
C ARG B 103 15.17 2.43 -7.43
N GLN B 104 16.16 1.68 -7.95
CA GLN B 104 17.48 1.65 -7.32
C GLN B 104 18.20 3.00 -7.45
N LEU B 105 17.69 3.89 -8.32
CA LEU B 105 18.29 5.20 -8.53
C LEU B 105 17.57 6.30 -7.76
N SER B 106 16.52 5.93 -7.00
CA SER B 106 15.79 6.91 -6.22
C SER B 106 16.11 6.76 -4.74
N SER B 107 16.66 7.83 -4.14
CA SER B 107 17.02 7.87 -2.73
C SER B 107 15.79 7.83 -1.81
N THR B 108 14.61 8.17 -2.37
CA THR B 108 13.40 8.33 -1.56
C THR B 108 12.43 7.16 -1.77
N TYR B 109 12.83 6.17 -2.58
CA TYR B 109 12.03 4.97 -2.77
C TYR B 109 11.87 4.19 -1.47
N ARG B 110 10.64 3.74 -1.19
CA ARG B 110 10.37 2.85 -0.07
C ARG B 110 9.68 1.59 -0.58
N ASP B 111 10.22 0.42 -0.21
CA ASP B 111 9.67 -0.86 -0.64
C ASP B 111 8.57 -1.29 0.33
N LEU B 112 7.36 -1.55 -0.20
CA LEU B 112 6.25 -2.05 0.62
C LEU B 112 6.29 -3.59 0.74
N ARG B 113 7.20 -4.25 0.01
CA ARG B 113 7.44 -5.69 0.07
C ARG B 113 6.16 -6.48 -0.17
N LYS B 114 5.42 -6.10 -1.23
CA LYS B 114 4.15 -6.73 -1.57
CA LYS B 114 4.19 -6.79 -1.58
C LYS B 114 3.93 -6.59 -3.07
N GLY B 115 3.43 -7.68 -3.69
CA GLY B 115 3.12 -7.69 -5.10
C GLY B 115 1.67 -7.30 -5.36
N VAL B 116 1.36 -6.96 -6.61
CA VAL B 116 0.00 -6.69 -7.00
C VAL B 116 -0.18 -7.23 -8.42
N TYR B 117 -1.26 -7.99 -8.62
CA TYR B 117 -1.55 -8.59 -9.91
C TYR B 117 -2.90 -8.06 -10.39
N VAL B 118 -2.90 -7.45 -11.58
CA VAL B 118 -4.08 -6.74 -12.07
C VAL B 118 -4.45 -7.26 -13.46
N PRO B 119 -5.22 -8.38 -13.55
CA PRO B 119 -5.77 -8.85 -14.83
C PRO B 119 -7.09 -8.14 -15.13
N TYR B 120 -7.31 -7.81 -16.41
CA TYR B 120 -8.56 -7.19 -16.84
C TYR B 120 -8.91 -7.75 -18.21
N THR B 121 -10.03 -7.28 -18.79
CA THR B 121 -10.53 -7.90 -20.01
C THR B 121 -9.49 -7.85 -21.13
N GLN B 122 -8.92 -6.68 -21.37
CA GLN B 122 -8.11 -6.49 -22.57
C GLN B 122 -6.63 -6.79 -22.32
N GLY B 123 -6.24 -7.10 -21.07
CA GLY B 123 -4.82 -7.13 -20.73
C GLY B 123 -4.54 -7.44 -19.27
N LYS B 124 -3.26 -7.33 -18.87
CA LYS B 124 -2.84 -7.56 -17.49
C LYS B 124 -1.59 -6.73 -17.20
N TRP B 125 -1.41 -6.37 -15.93
CA TRP B 125 -0.09 -5.96 -15.48
C TRP B 125 0.16 -6.53 -14.10
N GLU B 126 1.44 -6.64 -13.76
CA GLU B 126 1.80 -7.18 -12.45
C GLU B 126 2.98 -6.36 -11.95
N GLY B 127 2.99 -6.06 -10.66
CA GLY B 127 4.04 -5.19 -10.16
C GLY B 127 4.32 -5.37 -8.68
N GLU B 128 5.26 -4.54 -8.23
CA GLU B 128 5.72 -4.54 -6.85
C GLU B 128 5.36 -3.18 -6.27
N LEU B 129 4.75 -3.20 -5.08
CA LEU B 129 4.28 -1.96 -4.47
C LEU B 129 5.41 -1.29 -3.69
N GLY B 130 5.37 0.04 -3.72
CA GLY B 130 6.31 0.90 -3.01
C GLY B 130 5.74 2.30 -2.93
N THR B 131 6.47 3.20 -2.28
CA THR B 131 6.12 4.62 -2.27
C THR B 131 7.33 5.44 -2.70
N ASP B 132 7.06 6.65 -3.22
CA ASP B 132 8.13 7.57 -3.58
C ASP B 132 7.53 8.97 -3.68
N LEU B 133 8.41 9.95 -3.87
CA LEU B 133 7.97 11.33 -4.05
C LEU B 133 7.59 11.53 -5.51
N VAL B 134 6.48 12.25 -5.71
CA VAL B 134 5.88 12.38 -7.04
C VAL B 134 5.51 13.85 -7.23
N SER B 135 5.77 14.38 -8.43
CA SER B 135 5.37 15.72 -8.80
CA SER B 135 5.35 15.73 -8.80
CA SER B 135 5.39 15.73 -8.81
C SER B 135 4.74 15.71 -10.18
N ILE B 136 3.98 16.77 -10.49
CA ILE B 136 3.41 16.99 -11.81
C ILE B 136 3.94 18.34 -12.28
N PRO B 137 4.97 18.36 -13.18
CA PRO B 137 5.63 19.59 -13.60
C PRO B 137 4.70 20.68 -14.13
N HIS B 138 3.67 20.28 -14.91
CA HIS B 138 2.66 21.25 -15.35
C HIS B 138 1.39 21.05 -14.55
N GLY B 139 1.53 20.97 -13.23
CA GLY B 139 0.41 20.80 -12.32
C GLY B 139 0.57 21.73 -11.13
N PRO B 140 -0.01 21.43 -9.96
CA PRO B 140 0.20 22.26 -8.76
C PRO B 140 1.68 22.20 -8.38
N ASN B 141 2.13 23.24 -7.69
CA ASN B 141 3.52 23.34 -7.31
C ASN B 141 3.71 22.60 -5.98
N VAL B 142 3.55 21.27 -6.01
CA VAL B 142 3.61 20.45 -4.81
C VAL B 142 4.31 19.12 -5.11
N THR B 143 4.87 18.50 -4.07
CA THR B 143 5.41 17.15 -4.17
C THR B 143 4.73 16.30 -3.10
N VAL B 144 4.29 15.10 -3.47
CA VAL B 144 3.63 14.26 -2.47
C VAL B 144 4.30 12.89 -2.43
N ARG B 145 4.13 12.21 -1.29
CA ARG B 145 4.54 10.81 -1.21
C ARG B 145 3.34 9.94 -1.55
N ALA B 146 3.47 9.16 -2.63
CA ALA B 146 2.36 8.40 -3.16
C ALA B 146 2.73 6.92 -3.30
N ASN B 147 1.71 6.06 -3.29
CA ASN B 147 1.88 4.65 -3.63
C ASN B 147 2.20 4.54 -5.12
N ILE B 148 3.16 3.67 -5.48
CA ILE B 148 3.50 3.41 -6.87
C ILE B 148 3.63 1.90 -7.06
N ALA B 149 2.89 1.36 -8.04
CA ALA B 149 3.10 -0.01 -8.46
C ALA B 149 4.14 -0.03 -9.57
N ALA B 150 5.29 -0.66 -9.29
CA ALA B 150 6.37 -0.81 -10.27
C ALA B 150 6.10 -2.02 -11.14
N ILE B 151 5.67 -1.79 -12.39
CA ILE B 151 5.23 -2.88 -13.26
C ILE B 151 6.43 -3.66 -13.77
N THR B 152 6.43 -4.98 -13.52
CA THR B 152 7.55 -5.84 -13.90
C THR B 152 7.18 -6.80 -15.03
N GLU B 153 5.88 -7.11 -15.16
CA GLU B 153 5.39 -8.00 -16.20
C GLU B 153 4.07 -7.44 -16.69
N SER B 154 3.77 -7.61 -17.99
CA SER B 154 2.53 -7.07 -18.51
C SER B 154 2.11 -7.83 -19.78
N ASP B 155 0.83 -7.66 -20.15
CA ASP B 155 0.24 -8.28 -21.33
C ASP B 155 -0.71 -7.27 -21.98
N LYS B 156 -0.34 -6.74 -23.15
CA LYS B 156 -1.15 -5.80 -23.93
C LYS B 156 -1.49 -4.55 -23.12
N PHE B 157 -0.55 -4.10 -22.27
CA PHE B 157 -0.77 -2.92 -21.47
C PHE B 157 -0.11 -1.73 -22.15
N PHE B 158 1.22 -1.84 -22.37
CA PHE B 158 1.95 -0.83 -23.13
C PHE B 158 1.52 -0.89 -24.59
N ILE B 159 1.42 0.29 -25.21
CA ILE B 159 1.00 0.45 -26.60
C ILE B 159 2.20 0.95 -27.38
N ASN B 160 2.50 0.28 -28.49
CA ASN B 160 3.55 0.70 -29.42
C ASN B 160 3.28 2.12 -29.87
N GLY B 161 4.15 3.05 -29.48
CA GLY B 161 4.15 4.43 -29.94
C GLY B 161 3.12 5.33 -29.27
N SER B 162 2.67 4.98 -28.05
CA SER B 162 1.69 5.77 -27.31
C SER B 162 2.33 6.98 -26.62
N ASN B 163 3.63 6.86 -26.33
CA ASN B 163 4.39 7.90 -25.64
CA ASN B 163 4.47 7.82 -25.62
C ASN B 163 4.14 7.88 -24.13
N TRP B 164 3.36 6.91 -23.62
CA TRP B 164 3.19 6.86 -22.16
C TRP B 164 3.79 5.58 -21.56
N GLU B 165 4.16 5.68 -20.27
CA GLU B 165 4.96 4.66 -19.60
CA GLU B 165 4.94 4.64 -19.61
C GLU B 165 4.30 4.23 -18.29
N GLY B 166 3.10 4.76 -18.02
CA GLY B 166 2.43 4.41 -16.77
C GLY B 166 0.99 4.91 -16.82
N ILE B 167 0.24 4.62 -15.75
CA ILE B 167 -1.18 4.94 -15.65
C ILE B 167 -1.46 5.63 -14.32
N LEU B 168 -2.29 6.69 -14.37
CA LEU B 168 -2.72 7.38 -13.18
C LEU B 168 -4.22 7.14 -13.01
N GLY B 169 -4.56 6.22 -12.11
CA GLY B 169 -5.96 5.96 -11.83
C GLY B 169 -6.53 7.00 -10.88
N LEU B 170 -7.53 7.77 -11.34
CA LEU B 170 -8.05 8.90 -10.60
C LEU B 170 -9.37 8.60 -9.88
N ALA B 171 -9.84 7.35 -9.90
CA ALA B 171 -11.09 7.02 -9.21
C ALA B 171 -10.79 6.66 -7.74
N TYR B 172 -11.78 6.08 -7.06
CA TYR B 172 -11.74 5.98 -5.60
C TYR B 172 -11.08 4.68 -5.13
N ALA B 173 -10.76 4.64 -3.82
CA ALA B 173 -10.02 3.54 -3.20
C ALA B 173 -10.76 2.22 -3.31
N GLU B 174 -12.10 2.26 -3.39
CA GLU B 174 -12.90 1.04 -3.41
C GLU B 174 -12.43 0.08 -4.51
N ILE B 175 -11.95 0.63 -5.65
CA ILE B 175 -11.57 -0.23 -6.77
C ILE B 175 -10.04 -0.32 -6.93
N ALA B 176 -9.27 0.18 -5.96
CA ALA B 176 -7.82 0.01 -5.97
C ALA B 176 -7.46 -1.46 -5.75
N ARG B 177 -6.34 -1.89 -6.32
CA ARG B 177 -5.81 -3.23 -6.14
C ARG B 177 -4.51 -3.07 -5.31
N PRO B 178 -4.19 -3.99 -4.42
CA PRO B 178 -4.90 -5.25 -4.21
C PRO B 178 -6.21 -5.09 -3.45
N ASP B 179 -6.34 -3.97 -2.73
CA ASP B 179 -7.57 -3.65 -2.00
C ASP B 179 -7.62 -2.16 -1.67
N ASP B 180 -8.68 -1.77 -0.95
CA ASP B 180 -8.99 -0.38 -0.71
C ASP B 180 -8.06 0.25 0.33
N SER B 181 -7.15 -0.54 0.90
CA SER B 181 -6.18 0.04 1.81
C SER B 181 -5.05 0.77 1.07
N LEU B 182 -4.96 0.60 -0.26
CA LEU B 182 -3.90 1.27 -1.01
C LEU B 182 -4.41 2.62 -1.49
N GLU B 183 -4.03 3.69 -0.77
CA GLU B 183 -4.53 5.03 -1.03
C GLU B 183 -4.20 5.44 -2.47
N PRO B 184 -5.21 5.82 -3.29
CA PRO B 184 -4.97 6.35 -4.64
C PRO B 184 -4.21 7.69 -4.63
N PHE B 185 -3.61 8.00 -5.78
CA PHE B 185 -2.78 9.18 -5.92
C PHE B 185 -3.52 10.46 -5.51
N PHE B 186 -4.75 10.63 -6.02
CA PHE B 186 -5.43 11.90 -5.82
C PHE B 186 -5.79 12.08 -4.35
N ASP B 187 -6.11 10.98 -3.67
CA ASP B 187 -6.33 10.97 -2.22
C ASP B 187 -5.09 11.45 -1.47
N SER B 188 -3.92 10.93 -1.83
CA SER B 188 -2.65 11.36 -1.22
C SER B 188 -2.41 12.83 -1.45
N LEU B 189 -2.65 13.29 -2.69
CA LEU B 189 -2.44 14.67 -3.05
C LEU B 189 -3.26 15.60 -2.15
N VAL B 190 -4.56 15.29 -2.01
CA VAL B 190 -5.46 16.15 -1.27
C VAL B 190 -5.10 16.15 0.22
N LYS B 191 -4.75 14.96 0.76
CA LYS B 191 -4.45 14.80 2.19
C LYS B 191 -3.17 15.55 2.55
N GLN B 192 -2.19 15.55 1.64
CA GLN B 192 -0.86 16.04 1.96
C GLN B 192 -0.68 17.52 1.60
N THR B 193 -1.64 18.13 0.90
CA THR B 193 -1.46 19.48 0.39
C THR B 193 -2.74 20.29 0.61
N HIS B 194 -2.74 21.55 0.13
CA HIS B 194 -3.95 22.35 0.20
C HIS B 194 -4.71 22.31 -1.12
N VAL B 195 -4.37 21.36 -2.01
CA VAL B 195 -5.03 21.28 -3.31
C VAL B 195 -6.50 20.94 -3.09
N PRO B 196 -7.46 21.74 -3.62
CA PRO B 196 -8.88 21.44 -3.45
C PRO B 196 -9.24 20.09 -4.07
N ASN B 197 -10.27 19.43 -3.51
CA ASN B 197 -10.63 18.06 -3.84
C ASN B 197 -11.51 18.04 -5.11
N LEU B 198 -10.89 18.38 -6.24
CA LEU B 198 -11.57 18.32 -7.53
CA LEU B 198 -11.58 18.52 -7.52
C LEU B 198 -10.54 18.49 -8.64
N PHE B 199 -10.89 17.93 -9.80
CA PHE B 199 -10.06 18.12 -10.98
C PHE B 199 -11.01 18.17 -12.18
N SER B 200 -10.52 18.70 -13.28
CA SER B 200 -11.35 18.80 -14.48
C SER B 200 -10.51 18.42 -15.70
N LEU B 201 -11.17 17.90 -16.73
CA LEU B 201 -10.51 17.36 -17.91
C LEU B 201 -11.16 17.93 -19.16
N GLN B 202 -10.31 18.51 -20.02
CA GLN B 202 -10.70 18.87 -21.38
C GLN B 202 -9.87 18.00 -22.30
N LEU B 203 -10.47 16.95 -22.88
CA LEU B 203 -9.74 16.10 -23.82
C LEU B 203 -10.06 16.61 -25.23
N CYS B 204 -9.02 16.91 -26.00
CA CYS B 204 -9.14 17.57 -27.29
C CYS B 204 -8.88 16.59 -28.43
N GLY B 205 -9.95 16.15 -29.10
CA GLY B 205 -9.85 15.36 -30.32
C GLY B 205 -9.51 16.26 -31.50
N ALA B 206 -8.60 15.82 -32.38
CA ALA B 206 -8.14 16.69 -33.46
C ALA B 206 -9.17 16.73 -34.60
N GLY B 207 -9.92 15.61 -34.75
CA GLY B 207 -10.85 15.47 -35.86
C GLY B 207 -10.22 14.87 -37.13
N PHE B 208 -8.92 14.57 -37.04
CA PHE B 208 -8.17 13.91 -38.10
C PHE B 208 -7.06 13.09 -37.47
N PRO B 209 -6.41 12.14 -38.19
CA PRO B 209 -5.42 11.27 -37.57
C PRO B 209 -4.12 12.01 -37.25
N LEU B 210 -3.46 11.56 -36.18
CA LEU B 210 -2.15 12.05 -35.79
C LEU B 210 -1.18 10.86 -35.74
N ASN B 211 -0.01 11.01 -36.36
CA ASN B 211 1.07 10.04 -36.17
C ASN B 211 1.77 10.31 -34.83
N GLN B 212 2.71 9.42 -34.47
CA GLN B 212 3.40 9.46 -33.19
C GLN B 212 4.10 10.80 -32.95
N SER B 213 4.72 11.35 -34.00
CA SER B 213 5.47 12.60 -33.92
C SER B 213 4.54 13.81 -33.91
N GLU B 214 3.38 13.68 -34.55
CA GLU B 214 2.36 14.72 -34.50
C GLU B 214 1.76 14.79 -33.09
N VAL B 215 1.57 13.63 -32.45
CA VAL B 215 1.10 13.56 -31.07
C VAL B 215 2.09 14.28 -30.16
N LEU B 216 3.38 14.02 -30.37
CA LEU B 216 4.43 14.60 -29.54
C LEU B 216 4.38 16.13 -29.60
N ALA B 217 4.02 16.68 -30.77
CA ALA B 217 4.11 18.11 -31.02
C ALA B 217 2.80 18.84 -30.71
N SER B 218 1.69 18.08 -30.65
CA SER B 218 0.34 18.62 -30.54
CA SER B 218 0.36 18.66 -30.52
C SER B 218 -0.10 18.68 -29.08
N VAL B 219 -0.93 19.67 -28.75
CA VAL B 219 -1.58 19.74 -27.45
C VAL B 219 -2.84 18.89 -27.52
N GLY B 220 -3.03 18.00 -26.55
CA GLY B 220 -4.19 17.13 -26.57
C GLY B 220 -5.24 17.52 -25.54
N GLY B 221 -4.98 18.56 -24.75
CA GLY B 221 -6.00 19.00 -23.79
C GLY B 221 -5.40 19.45 -22.47
N SER B 222 -6.23 19.47 -21.43
CA SER B 222 -5.86 20.04 -20.14
C SER B 222 -6.45 19.19 -19.02
N MET B 223 -5.62 18.97 -18.00
CA MET B 223 -6.07 18.48 -16.72
CA MET B 223 -6.09 18.49 -16.73
C MET B 223 -5.83 19.57 -15.69
N ILE B 224 -6.91 20.19 -15.20
CA ILE B 224 -6.78 21.24 -14.21
C ILE B 224 -6.97 20.59 -12.85
N ILE B 225 -5.88 20.56 -12.07
CA ILE B 225 -5.90 19.92 -10.76
C ILE B 225 -6.21 21.00 -9.73
N GLY B 226 -7.32 20.79 -9.01
CA GLY B 226 -7.75 21.66 -7.93
C GLY B 226 -8.68 22.78 -8.39
N GLY B 227 -9.22 22.71 -9.62
CA GLY B 227 -10.03 23.83 -10.07
C GLY B 227 -10.68 23.64 -11.44
N ILE B 228 -11.35 24.72 -11.88
CA ILE B 228 -12.12 24.84 -13.11
C ILE B 228 -11.56 26.05 -13.86
N ASP B 229 -11.17 25.87 -15.12
CA ASP B 229 -10.68 26.98 -15.93
C ASP B 229 -11.77 27.38 -16.91
N HIS B 230 -12.25 28.64 -16.79
CA HIS B 230 -13.39 29.13 -17.57
C HIS B 230 -13.11 29.18 -19.07
N SER B 231 -11.84 29.24 -19.48
CA SER B 231 -11.50 29.35 -20.89
C SER B 231 -11.72 28.04 -21.65
N LEU B 232 -11.98 26.94 -20.93
CA LEU B 232 -11.99 25.62 -21.58
C LEU B 232 -13.41 25.24 -22.00
N TYR B 233 -14.40 26.06 -21.67
CA TYR B 233 -15.77 25.69 -22.00
C TYR B 233 -16.59 26.91 -22.43
N THR B 234 -17.74 26.63 -23.04
CA THR B 234 -18.73 27.67 -23.34
C THR B 234 -20.06 27.26 -22.70
N GLY B 235 -20.91 28.26 -22.48
CA GLY B 235 -22.20 28.03 -21.87
C GLY B 235 -22.08 27.66 -20.39
N SER B 236 -23.10 26.98 -19.88
CA SER B 236 -23.24 26.65 -18.47
C SER B 236 -22.69 25.25 -18.18
N LEU B 237 -22.15 25.07 -16.97
CA LEU B 237 -21.87 23.75 -16.42
C LEU B 237 -23.13 23.17 -15.78
N TRP B 238 -23.49 21.93 -16.14
CA TRP B 238 -24.59 21.20 -15.54
C TRP B 238 -24.02 20.01 -14.77
N TYR B 239 -24.57 19.75 -13.58
CA TYR B 239 -24.02 18.73 -12.71
C TYR B 239 -24.99 17.58 -12.51
N THR B 240 -24.42 16.36 -12.50
CA THR B 240 -25.09 15.11 -12.19
C THR B 240 -24.45 14.54 -10.92
N PRO B 241 -25.22 13.98 -9.96
CA PRO B 241 -24.61 13.41 -8.75
C PRO B 241 -23.72 12.21 -9.08
N ILE B 242 -22.63 12.07 -8.32
CA ILE B 242 -21.92 10.80 -8.29
C ILE B 242 -22.76 9.88 -7.41
N ARG B 243 -23.23 8.77 -7.98
CA ARG B 243 -24.18 7.89 -7.31
C ARG B 243 -23.51 7.22 -6.10
N ARG B 244 -22.27 6.81 -6.32
CA ARG B 244 -21.45 6.11 -5.33
C ARG B 244 -19.97 6.30 -5.68
N GLU B 245 -19.14 6.45 -4.66
CA GLU B 245 -17.72 6.73 -4.85
C GLU B 245 -16.92 5.46 -4.99
N TRP B 246 -16.81 4.95 -6.22
CA TRP B 246 -15.98 3.78 -6.54
C TRP B 246 -15.41 4.14 -7.91
N TYR B 247 -16.19 3.93 -8.94
CA TYR B 247 -15.88 4.45 -10.24
C TYR B 247 -16.60 5.82 -10.15
N TYR B 248 -16.45 6.69 -11.15
CA TYR B 248 -17.26 7.88 -11.23
C TYR B 248 -18.62 7.48 -11.79
N GLU B 249 -19.50 6.98 -10.90
CA GLU B 249 -20.76 6.37 -11.34
C GLU B 249 -21.85 7.44 -11.43
N VAL B 250 -22.60 7.40 -12.55
CA VAL B 250 -23.68 8.34 -12.81
C VAL B 250 -24.93 7.58 -13.25
N ILE B 251 -26.05 8.30 -13.42
CA ILE B 251 -27.29 7.66 -13.83
CA ILE B 251 -27.34 7.71 -13.78
C ILE B 251 -27.84 8.36 -15.07
N ILE B 252 -28.04 7.56 -16.13
CA ILE B 252 -28.63 8.00 -17.39
C ILE B 252 -30.13 7.71 -17.34
N VAL B 253 -30.96 8.69 -17.73
CA VAL B 253 -32.40 8.57 -17.54
C VAL B 253 -33.16 8.51 -18.88
N ARG B 254 -32.51 8.88 -19.97
CA ARG B 254 -33.15 8.89 -21.28
C ARG B 254 -32.04 8.89 -22.33
N VAL B 255 -32.29 8.23 -23.47
CA VAL B 255 -31.37 8.27 -24.61
C VAL B 255 -32.17 8.61 -25.86
N GLU B 256 -31.66 9.57 -26.67
CA GLU B 256 -32.30 9.90 -27.93
C GLU B 256 -31.28 9.81 -29.06
N ILE B 257 -31.78 9.42 -30.24
CA ILE B 257 -31.05 9.45 -31.50
C ILE B 257 -31.79 10.40 -32.44
N ASN B 258 -31.15 11.54 -32.75
CA ASN B 258 -31.79 12.62 -33.51
C ASN B 258 -33.17 12.93 -32.93
N GLY B 259 -33.25 13.05 -31.60
CA GLY B 259 -34.50 13.48 -30.98
C GLY B 259 -35.47 12.33 -30.72
N GLN B 260 -35.22 11.15 -31.30
CA GLN B 260 -36.14 10.04 -31.15
C GLN B 260 -35.70 9.21 -29.94
N ASP B 261 -36.65 9.04 -29.01
CA ASP B 261 -36.47 8.30 -27.77
C ASP B 261 -36.18 6.84 -28.10
N LEU B 262 -35.09 6.28 -27.55
CA LEU B 262 -34.78 4.86 -27.68
C LEU B 262 -35.84 4.01 -26.99
N LYS B 263 -36.53 4.60 -26.00
CA LYS B 263 -37.76 4.10 -25.39
C LYS B 263 -37.52 2.77 -24.67
N MET B 264 -36.41 2.68 -23.96
CA MET B 264 -36.14 1.50 -23.15
C MET B 264 -36.38 1.86 -21.69
N ASP B 265 -36.67 0.84 -20.87
CA ASP B 265 -36.74 1.03 -19.43
C ASP B 265 -35.40 1.59 -18.99
N CYS B 266 -35.40 2.68 -18.21
CA CYS B 266 -34.18 3.43 -17.96
C CYS B 266 -33.16 2.60 -17.18
N LYS B 267 -33.62 1.53 -16.51
CA LYS B 267 -32.68 0.64 -15.83
C LYS B 267 -31.71 0.00 -16.81
N GLU B 268 -32.16 -0.22 -18.06
CA GLU B 268 -31.33 -0.86 -19.06
C GLU B 268 -30.10 0.00 -19.37
N TYR B 269 -30.24 1.33 -19.24
CA TYR B 269 -29.16 2.25 -19.60
C TYR B 269 -28.02 2.18 -18.58
N ASN B 270 -28.35 1.72 -17.36
CA ASN B 270 -27.40 1.73 -16.25
C ASN B 270 -27.13 0.32 -15.73
N TYR B 271 -27.29 -0.67 -16.61
CA TYR B 271 -27.13 -2.07 -16.22
C TYR B 271 -25.73 -2.54 -16.63
N ASP B 272 -24.85 -2.81 -15.66
CA ASP B 272 -25.06 -2.82 -14.22
C ASP B 272 -24.52 -1.56 -13.54
N LYS B 273 -23.94 -0.63 -14.34
CA LYS B 273 -23.52 0.68 -13.88
C LYS B 273 -23.29 1.57 -15.10
N SER B 274 -23.24 2.88 -14.88
CA SER B 274 -22.80 3.83 -15.90
C SER B 274 -21.67 4.68 -15.29
N ILE B 275 -20.55 4.80 -16.01
CA ILE B 275 -19.39 5.48 -15.46
C ILE B 275 -18.84 6.45 -16.50
N VAL B 276 -18.03 7.41 -16.03
CA VAL B 276 -17.29 8.34 -16.88
C VAL B 276 -15.82 7.93 -16.84
N ASP B 277 -15.22 7.57 -18.00
CA ASP B 277 -13.97 6.82 -18.04
C ASP B 277 -13.00 7.28 -19.15
N SER B 278 -12.01 8.10 -18.78
CA SER B 278 -11.07 8.64 -19.77
C SER B 278 -10.12 7.58 -20.35
N GLY B 279 -10.00 6.42 -19.68
CA GLY B 279 -9.09 5.36 -20.11
C GLY B 279 -9.70 4.40 -21.13
N THR B 280 -10.99 4.59 -21.43
CA THR B 280 -11.68 3.81 -22.43
C THR B 280 -11.85 4.71 -23.65
N THR B 281 -11.64 4.13 -24.84
CA THR B 281 -11.77 4.92 -26.06
C THR B 281 -13.24 5.25 -26.35
N ASN B 282 -14.07 4.19 -26.40
CA ASN B 282 -15.38 4.30 -27.01
C ASN B 282 -16.46 4.73 -26.02
N LEU B 283 -17.62 5.13 -26.59
CA LEU B 283 -18.87 5.03 -25.85
C LEU B 283 -19.26 3.56 -25.85
N ARG B 284 -19.33 2.95 -24.66
CA ARG B 284 -19.71 1.55 -24.60
C ARG B 284 -21.09 1.44 -23.97
N LEU B 285 -21.96 0.62 -24.57
CA LEU B 285 -23.35 0.52 -24.12
C LEU B 285 -23.65 -0.93 -23.76
N PRO B 286 -24.51 -1.17 -22.73
CA PRO B 286 -24.99 -2.53 -22.41
C PRO B 286 -25.59 -3.18 -23.66
N LYS B 287 -25.41 -4.49 -23.82
CA LYS B 287 -25.81 -5.25 -25.01
C LYS B 287 -27.18 -4.82 -25.57
N LYS B 288 -28.23 -4.78 -24.73
CA LYS B 288 -29.57 -4.51 -25.21
C LYS B 288 -29.67 -3.08 -25.76
N VAL B 289 -29.00 -2.15 -25.07
CA VAL B 289 -29.02 -0.75 -25.44
C VAL B 289 -28.21 -0.57 -26.72
N PHE B 290 -27.03 -1.22 -26.79
CA PHE B 290 -26.21 -1.18 -27.99
C PHE B 290 -27.00 -1.61 -29.22
N GLU B 291 -27.73 -2.74 -29.11
CA GLU B 291 -28.45 -3.28 -30.25
C GLU B 291 -29.52 -2.28 -30.72
N ALA B 292 -30.21 -1.64 -29.76
CA ALA B 292 -31.28 -0.71 -30.11
C ALA B 292 -30.70 0.57 -30.71
N ALA B 293 -29.57 1.03 -30.15
CA ALA B 293 -28.92 2.24 -30.64
C ALA B 293 -28.41 2.06 -32.06
N VAL B 294 -27.73 0.93 -32.33
CA VAL B 294 -27.18 0.65 -33.66
CA VAL B 294 -27.17 0.73 -33.65
C VAL B 294 -28.30 0.59 -34.69
N LYS B 295 -29.41 -0.04 -34.33
CA LYS B 295 -30.55 -0.13 -35.23
C LYS B 295 -31.01 1.29 -35.61
N SER B 296 -31.08 2.16 -34.60
CA SER B 296 -31.56 3.52 -34.79
C SER B 296 -30.56 4.36 -35.60
N ILE B 297 -29.25 4.19 -35.34
CA ILE B 297 -28.22 4.93 -36.06
C ILE B 297 -28.15 4.49 -37.52
N LYS B 298 -28.30 3.18 -37.77
CA LYS B 298 -28.36 2.65 -39.12
C LYS B 298 -29.57 3.21 -39.87
N ALA B 299 -30.73 3.27 -39.19
CA ALA B 299 -31.94 3.78 -39.80
C ALA B 299 -31.77 5.25 -40.19
N ALA B 300 -31.15 6.03 -39.29
CA ALA B 300 -30.99 7.46 -39.50
C ALA B 300 -30.01 7.73 -40.66
N SER B 301 -29.01 6.85 -40.84
CA SER B 301 -27.95 7.04 -41.82
C SER B 301 -28.17 6.22 -43.10
N SER B 302 -29.41 5.76 -43.33
CA SER B 302 -29.68 4.69 -44.30
C SER B 302 -29.48 5.11 -45.76
N THR B 303 -29.26 6.40 -46.04
CA THR B 303 -28.96 6.84 -47.39
CA THR B 303 -28.95 6.84 -47.39
C THR B 303 -27.62 6.25 -47.87
N GLU B 304 -26.76 5.84 -46.94
CA GLU B 304 -25.53 5.13 -47.27
CA GLU B 304 -25.53 5.13 -47.27
C GLU B 304 -25.48 3.82 -46.48
N LYS B 305 -25.00 2.75 -47.13
CA LYS B 305 -24.90 1.44 -46.50
C LYS B 305 -23.44 1.13 -46.19
N PHE B 306 -23.22 0.63 -44.96
CA PHE B 306 -21.88 0.31 -44.50
C PHE B 306 -21.80 -1.17 -44.13
N PRO B 307 -20.63 -1.83 -44.32
CA PRO B 307 -20.46 -3.23 -43.97
C PRO B 307 -20.67 -3.48 -42.46
N ASP B 308 -21.05 -4.72 -42.14
CA ASP B 308 -21.26 -5.13 -40.76
C ASP B 308 -20.03 -4.84 -39.91
N GLY B 309 -18.83 -5.02 -40.48
CA GLY B 309 -17.58 -4.80 -39.76
C GLY B 309 -17.43 -3.34 -39.31
N PHE B 310 -18.04 -2.41 -40.06
CA PHE B 310 -18.00 -1.01 -39.62
C PHE B 310 -18.81 -0.88 -38.33
N TRP B 311 -20.04 -1.44 -38.32
CA TRP B 311 -20.91 -1.31 -37.16
C TRP B 311 -20.38 -2.05 -35.93
N LEU B 312 -19.48 -3.02 -36.14
CA LEU B 312 -18.86 -3.78 -35.06
C LEU B 312 -17.60 -3.09 -34.54
N GLY B 313 -17.26 -1.94 -35.10
CA GLY B 313 -16.17 -1.10 -34.62
C GLY B 313 -14.79 -1.57 -35.07
N GLU B 314 -14.74 -2.53 -36.00
CA GLU B 314 -13.51 -3.20 -36.39
C GLU B 314 -12.93 -2.60 -37.67
N GLN B 315 -13.81 -2.22 -38.61
CA GLN B 315 -13.42 -1.87 -39.97
C GLN B 315 -13.56 -0.37 -40.17
N LEU B 316 -12.61 0.25 -40.89
CA LEU B 316 -12.75 1.67 -41.17
C LEU B 316 -13.65 1.88 -42.39
N VAL B 317 -14.21 3.10 -42.48
CA VAL B 317 -14.86 3.59 -43.68
CA VAL B 317 -14.85 3.58 -43.69
C VAL B 317 -14.13 4.85 -44.12
N CYS B 318 -13.97 5.03 -45.45
CA CYS B 318 -13.23 6.17 -45.98
C CYS B 318 -14.09 6.94 -46.98
N TRP B 319 -13.91 8.26 -47.00
CA TRP B 319 -14.50 9.16 -47.99
C TRP B 319 -13.40 10.00 -48.62
N GLN B 320 -13.63 10.45 -49.86
CA GLN B 320 -12.76 11.43 -50.51
C GLN B 320 -12.53 12.62 -49.58
N ALA B 321 -11.32 13.18 -49.62
CA ALA B 321 -10.89 14.27 -48.75
C ALA B 321 -11.97 15.36 -48.70
N GLY B 322 -12.43 15.69 -47.49
CA GLY B 322 -13.32 16.82 -47.30
C GLY B 322 -14.80 16.45 -47.43
N THR B 323 -15.11 15.20 -47.84
CA THR B 323 -16.49 14.89 -48.24
C THR B 323 -17.23 14.00 -47.24
N THR B 324 -16.70 13.82 -46.03
CA THR B 324 -17.39 13.03 -45.02
C THR B 324 -18.83 13.56 -44.89
N PRO B 325 -19.86 12.71 -45.07
CA PRO B 325 -21.26 13.14 -45.01
C PRO B 325 -21.80 13.23 -43.58
N TRP B 326 -21.22 14.14 -42.78
CA TRP B 326 -21.61 14.29 -41.38
C TRP B 326 -23.14 14.34 -41.23
N ASN B 327 -23.81 15.06 -42.14
CA ASN B 327 -25.23 15.37 -42.00
C ASN B 327 -26.13 14.12 -42.04
N ILE B 328 -25.65 13.00 -42.64
CA ILE B 328 -26.48 11.80 -42.73
C ILE B 328 -26.47 11.04 -41.40
N PHE B 329 -25.47 11.27 -40.55
CA PHE B 329 -25.38 10.61 -39.26
C PHE B 329 -26.11 11.43 -38.20
N PRO B 330 -26.80 10.76 -37.25
CA PRO B 330 -27.59 11.45 -36.23
C PRO B 330 -26.78 11.96 -35.05
N VAL B 331 -27.35 12.95 -34.34
CA VAL B 331 -26.81 13.31 -33.04
C VAL B 331 -27.32 12.30 -32.02
N ILE B 332 -26.59 12.18 -30.90
CA ILE B 332 -26.96 11.27 -29.82
C ILE B 332 -27.04 12.10 -28.54
N SER B 333 -28.16 11.98 -27.80
CA SER B 333 -28.36 12.73 -26.58
C SER B 333 -28.48 11.73 -25.43
N LEU B 334 -27.69 11.96 -24.38
CA LEU B 334 -27.82 11.23 -23.13
C LEU B 334 -28.35 12.20 -22.08
N TYR B 335 -29.46 11.82 -21.41
CA TYR B 335 -30.00 12.65 -20.36
C TYR B 335 -29.50 12.08 -19.04
N LEU B 336 -29.01 12.96 -18.19
CA LEU B 336 -28.43 12.58 -16.91
C LEU B 336 -29.29 13.17 -15.79
N MET B 337 -29.32 12.47 -14.66
CA MET B 337 -29.97 12.96 -13.45
C MET B 337 -29.37 14.30 -13.03
N GLY B 338 -30.23 15.25 -12.66
CA GLY B 338 -29.75 16.54 -12.20
C GLY B 338 -29.57 16.56 -10.69
N GLU B 339 -29.11 17.70 -10.17
CA GLU B 339 -28.93 17.88 -8.73
C GLU B 339 -30.25 18.23 -8.04
N VAL B 340 -31.19 18.83 -8.79
CA VAL B 340 -32.48 19.24 -8.27
C VAL B 340 -33.46 18.08 -8.45
N THR B 341 -34.31 17.85 -7.43
CA THR B 341 -35.33 16.81 -7.46
CA THR B 341 -35.31 16.79 -7.48
C THR B 341 -36.14 16.95 -8.75
N ASN B 342 -36.38 15.82 -9.42
CA ASN B 342 -37.18 15.68 -10.63
C ASN B 342 -36.65 16.48 -11.82
N GLN B 343 -35.35 16.83 -11.82
CA GLN B 343 -34.78 17.54 -12.96
C GLN B 343 -33.69 16.68 -13.60
N SER B 344 -33.64 16.72 -14.94
CA SER B 344 -32.52 16.14 -15.67
C SER B 344 -31.95 17.19 -16.63
N PHE B 345 -30.78 16.92 -17.21
CA PHE B 345 -30.27 17.72 -18.31
C PHE B 345 -29.74 16.76 -19.36
N ARG B 346 -29.41 17.26 -20.56
CA ARG B 346 -28.92 16.36 -21.59
C ARG B 346 -27.58 16.84 -22.13
N ILE B 347 -26.76 15.87 -22.54
CA ILE B 347 -25.56 16.16 -23.31
C ILE B 347 -25.78 15.58 -24.71
N THR B 348 -25.38 16.35 -25.73
CA THR B 348 -25.62 15.92 -27.11
C THR B 348 -24.27 15.88 -27.83
N ILE B 349 -23.97 14.73 -28.48
CA ILE B 349 -22.75 14.61 -29.26
C ILE B 349 -23.10 14.44 -30.73
N LEU B 350 -22.10 14.74 -31.56
CA LEU B 350 -22.18 14.68 -33.00
C LEU B 350 -21.45 13.45 -33.52
N PRO B 351 -21.65 13.07 -34.79
CA PRO B 351 -20.79 12.05 -35.42
C PRO B 351 -19.32 12.45 -35.38
N GLN B 352 -19.03 13.77 -35.30
CA GLN B 352 -17.64 14.19 -35.17
C GLN B 352 -17.01 13.67 -33.88
N GLN B 353 -17.85 13.27 -32.90
CA GLN B 353 -17.37 12.65 -31.67
C GLN B 353 -17.35 11.13 -31.79
N TYR B 354 -18.43 10.53 -32.31
CA TYR B 354 -18.53 9.08 -32.25
C TYR B 354 -17.94 8.38 -33.48
N LEU B 355 -17.49 9.14 -34.50
CA LEU B 355 -16.68 8.56 -35.57
C LEU B 355 -15.23 8.95 -35.31
N ARG B 356 -14.39 7.96 -35.00
CA ARG B 356 -13.03 8.24 -34.56
C ARG B 356 -12.09 8.26 -35.77
N PRO B 357 -11.37 9.38 -36.04
CA PRO B 357 -10.44 9.44 -37.19
C PRO B 357 -9.32 8.42 -37.04
N VAL B 358 -9.07 7.67 -38.13
CA VAL B 358 -7.98 6.72 -38.18
C VAL B 358 -7.23 6.87 -39.50
N GLU B 359 -5.99 6.38 -39.53
CA GLU B 359 -5.21 6.41 -40.76
C GLU B 359 -5.67 5.30 -41.70
N ASP B 360 -5.65 5.61 -43.00
CA ASP B 360 -6.02 4.67 -44.05
C ASP B 360 -5.05 3.50 -44.04
N VAL B 361 -5.60 2.31 -44.33
CA VAL B 361 -4.85 1.06 -44.45
C VAL B 361 -3.82 1.19 -45.57
N ALA B 362 -4.11 2.10 -46.52
CA ALA B 362 -3.24 2.44 -47.63
C ALA B 362 -2.70 3.86 -47.47
N THR B 363 -1.88 4.29 -48.42
CA THR B 363 -1.45 5.68 -48.50
C THR B 363 -2.48 6.46 -49.34
N SER B 364 -3.17 7.42 -48.71
CA SER B 364 -4.19 8.23 -49.38
C SER B 364 -4.47 9.53 -48.62
N GLN B 365 -5.21 10.41 -49.30
CA GLN B 365 -5.68 11.66 -48.73
C GLN B 365 -7.14 11.52 -48.28
N ASP B 366 -7.66 10.27 -48.27
CA ASP B 366 -9.04 10.04 -47.84
C ASP B 366 -9.17 10.40 -46.35
N ASP B 367 -10.39 10.79 -45.95
CA ASP B 367 -10.72 10.95 -44.54
C ASP B 367 -11.39 9.65 -44.07
N CYS B 368 -10.79 8.97 -43.10
CA CYS B 368 -11.21 7.64 -42.68
C CYS B 368 -11.53 7.62 -41.19
N TYR B 369 -12.51 6.79 -40.80
CA TYR B 369 -12.96 6.72 -39.41
C TYR B 369 -13.38 5.30 -39.04
N LYS B 370 -13.34 5.03 -37.72
CA LYS B 370 -14.01 3.85 -37.16
C LYS B 370 -15.20 4.30 -36.32
N PHE B 371 -16.19 3.40 -36.18
CA PHE B 371 -17.35 3.62 -35.34
C PHE B 371 -16.93 3.36 -33.89
N ALA B 372 -17.04 4.42 -33.05
CA ALA B 372 -16.51 4.40 -31.70
C ALA B 372 -17.63 4.23 -30.67
N ILE B 373 -18.66 3.47 -31.04
CA ILE B 373 -19.66 2.97 -30.10
C ILE B 373 -19.61 1.46 -30.16
N SER B 374 -19.58 0.82 -28.98
CA SER B 374 -19.42 -0.62 -28.93
C SER B 374 -20.18 -1.21 -27.74
N GLN B 375 -20.36 -2.54 -27.78
CA GLN B 375 -21.12 -3.29 -26.79
C GLN B 375 -20.28 -3.45 -25.51
N SER B 376 -20.97 -3.45 -24.38
CA SER B 376 -20.37 -3.70 -23.07
C SER B 376 -21.18 -4.78 -22.34
N SER B 377 -20.48 -5.56 -21.50
CA SER B 377 -21.14 -6.45 -20.56
C SER B 377 -20.94 -5.95 -19.12
N THR B 378 -20.34 -4.76 -18.97
CA THR B 378 -20.07 -4.20 -17.64
C THR B 378 -20.67 -2.80 -17.49
N GLY B 379 -21.75 -2.50 -18.22
CA GLY B 379 -22.44 -1.24 -18.04
C GLY B 379 -22.07 -0.21 -19.12
N THR B 380 -22.67 0.98 -19.01
CA THR B 380 -22.35 2.09 -19.90
C THR B 380 -20.99 2.67 -19.54
N VAL B 381 -20.16 2.91 -20.57
CA VAL B 381 -18.90 3.61 -20.34
C VAL B 381 -18.89 4.86 -21.20
N MET B 382 -18.89 6.02 -20.54
CA MET B 382 -18.72 7.27 -21.27
C MET B 382 -17.22 7.54 -21.43
N GLY B 383 -16.66 7.02 -22.52
CA GLY B 383 -15.23 7.02 -22.75
C GLY B 383 -14.74 8.32 -23.40
N ALA B 384 -13.50 8.29 -23.88
CA ALA B 384 -12.81 9.48 -24.34
C ALA B 384 -13.54 10.12 -25.52
N VAL B 385 -14.17 9.32 -26.40
CA VAL B 385 -14.80 9.93 -27.56
C VAL B 385 -15.98 10.81 -27.14
N ILE B 386 -16.67 10.46 -26.05
CA ILE B 386 -17.74 11.26 -25.45
CA ILE B 386 -17.73 11.34 -25.59
C ILE B 386 -17.16 12.50 -24.76
N MET B 387 -16.12 12.25 -23.95
CA MET B 387 -15.48 13.29 -23.17
C MET B 387 -14.87 14.37 -24.07
N GLU B 388 -14.49 14.04 -25.31
CA GLU B 388 -13.95 15.03 -26.23
C GLU B 388 -14.98 16.10 -26.61
N GLY B 389 -16.26 15.83 -26.41
CA GLY B 389 -17.29 16.84 -26.68
C GLY B 389 -17.39 17.91 -25.59
N PHE B 390 -16.87 17.60 -24.39
CA PHE B 390 -17.24 18.31 -23.18
C PHE B 390 -16.03 18.63 -22.30
N TYR B 391 -16.17 19.71 -21.53
CA TYR B 391 -15.32 19.92 -20.38
C TYR B 391 -15.97 19.21 -19.20
N VAL B 392 -15.22 18.32 -18.53
CA VAL B 392 -15.83 17.48 -17.52
C VAL B 392 -15.16 17.78 -16.18
N VAL B 393 -15.99 18.13 -15.19
CA VAL B 393 -15.53 18.53 -13.87
C VAL B 393 -15.83 17.40 -12.88
N PHE B 394 -14.75 16.84 -12.31
CA PHE B 394 -14.85 15.75 -11.35
C PHE B 394 -14.83 16.38 -9.95
N ASP B 395 -16.02 16.84 -9.51
CA ASP B 395 -16.14 17.60 -8.28
C ASP B 395 -16.32 16.62 -7.11
N ARG B 396 -15.20 16.04 -6.67
CA ARG B 396 -15.23 15.02 -5.63
C ARG B 396 -15.75 15.61 -4.31
N ALA B 397 -15.42 16.88 -4.04
CA ALA B 397 -15.80 17.55 -2.79
C ALA B 397 -17.31 17.64 -2.65
N ARG B 398 -18.02 17.85 -3.77
CA ARG B 398 -19.47 17.97 -3.73
C ARG B 398 -20.16 16.73 -4.31
N LYS B 399 -19.40 15.64 -4.53
CA LYS B 399 -19.91 14.36 -5.02
C LYS B 399 -20.77 14.55 -6.28
N ARG B 400 -20.22 15.22 -7.29
CA ARG B 400 -20.96 15.52 -8.51
C ARG B 400 -20.01 15.62 -9.70
N ILE B 401 -20.54 15.38 -10.91
CA ILE B 401 -19.79 15.51 -12.15
CA ILE B 401 -19.76 15.55 -12.12
C ILE B 401 -20.44 16.61 -12.99
N GLY B 402 -19.63 17.57 -13.45
CA GLY B 402 -20.16 18.66 -14.26
C GLY B 402 -19.80 18.49 -15.74
N PHE B 403 -20.71 18.94 -16.62
CA PHE B 403 -20.51 18.88 -18.06
C PHE B 403 -20.82 20.27 -18.65
N ALA B 404 -19.90 20.75 -19.49
CA ALA B 404 -20.16 21.90 -20.34
C ALA B 404 -19.62 21.61 -21.73
N VAL B 405 -20.17 22.31 -22.74
CA VAL B 405 -19.63 22.21 -24.08
C VAL B 405 -18.15 22.60 -24.12
N SER B 406 -17.32 21.76 -24.75
CA SER B 406 -15.89 22.03 -24.78
C SER B 406 -15.59 23.11 -25.80
N ALA B 407 -14.66 24.02 -25.44
CA ALA B 407 -14.17 25.00 -26.39
C ALA B 407 -13.33 24.36 -27.51
N CYS B 408 -12.97 23.07 -27.38
CA CYS B 408 -12.14 22.43 -28.41
C CYS B 408 -12.88 21.30 -29.16
N HIS B 409 -14.21 21.18 -29.02
CA HIS B 409 -14.87 20.06 -29.69
C HIS B 409 -14.94 20.29 -31.20
N VAL B 410 -14.88 19.17 -31.95
CA VAL B 410 -14.96 19.18 -33.39
C VAL B 410 -16.43 19.26 -33.79
N HIS B 411 -16.74 20.19 -34.72
CA HIS B 411 -18.11 20.28 -35.22
C HIS B 411 -18.09 20.77 -36.67
N ASP B 412 -19.27 21.11 -37.21
CA ASP B 412 -19.34 21.68 -38.55
C ASP B 412 -20.16 22.97 -38.47
N GLU B 413 -20.45 23.58 -39.62
CA GLU B 413 -21.13 24.87 -39.61
C GLU B 413 -22.61 24.74 -39.23
N PHE B 414 -23.14 23.51 -39.20
CA PHE B 414 -24.59 23.34 -39.07
C PHE B 414 -25.01 22.88 -37.68
N ARG B 415 -24.14 22.18 -36.95
CA ARG B 415 -24.50 21.60 -35.67
C ARG B 415 -23.30 21.70 -34.73
N THR B 416 -23.59 21.74 -33.42
CA THR B 416 -22.56 21.70 -32.40
CA THR B 416 -22.58 21.74 -32.37
C THR B 416 -22.99 20.73 -31.30
N ALA B 417 -22.02 20.28 -30.50
CA ALA B 417 -22.35 19.58 -29.26
C ALA B 417 -23.12 20.54 -28.35
N ALA B 418 -23.90 19.98 -27.41
CA ALA B 418 -24.71 20.82 -26.55
C ALA B 418 -24.80 20.21 -25.15
N VAL B 419 -25.03 21.09 -24.16
CA VAL B 419 -25.42 20.67 -22.82
C VAL B 419 -26.60 21.57 -22.46
N GLU B 420 -27.78 20.97 -22.25
CA GLU B 420 -29.01 21.76 -22.16
C GLU B 420 -29.88 21.21 -21.03
N GLY B 421 -30.63 22.12 -20.39
CA GLY B 421 -31.61 21.72 -19.40
C GLY B 421 -32.39 22.94 -18.91
N PRO B 422 -33.30 22.75 -17.95
CA PRO B 422 -33.64 21.48 -17.35
C PRO B 422 -34.82 20.78 -18.03
N PHE B 423 -34.98 19.49 -17.76
CA PHE B 423 -36.18 18.76 -18.13
C PHE B 423 -36.82 18.17 -16.89
N VAL B 424 -38.15 18.09 -16.88
CA VAL B 424 -38.85 17.42 -15.80
C VAL B 424 -38.80 15.91 -16.06
N THR B 425 -38.24 15.18 -15.09
CA THR B 425 -38.08 13.74 -15.20
C THR B 425 -38.40 13.11 -13.85
N LEU B 426 -39.31 12.13 -13.84
CA LEU B 426 -39.74 11.51 -12.58
C LEU B 426 -39.03 10.17 -12.39
N ASP B 427 -39.04 9.70 -11.12
CA ASP B 427 -38.63 8.36 -10.70
C ASP B 427 -37.24 8.02 -11.23
N MET B 428 -36.31 8.97 -11.06
CA MET B 428 -34.99 8.85 -11.66
C MET B 428 -34.10 7.91 -10.85
N GLU B 429 -34.35 7.82 -9.52
CA GLU B 429 -33.60 6.89 -8.67
C GLU B 429 -33.88 5.45 -9.10
N ASP B 430 -35.06 5.22 -9.72
CA ASP B 430 -35.48 3.91 -10.22
C ASP B 430 -34.64 3.46 -11.42
N CYS B 431 -33.89 4.39 -12.03
CA CYS B 431 -33.07 4.07 -13.20
C CYS B 431 -31.77 3.38 -12.77
N GLY B 432 -31.39 3.55 -11.50
CA GLY B 432 -30.18 2.95 -10.98
C GLY B 432 -30.35 1.46 -10.75
N TYR B 433 -29.29 0.69 -11.02
CA TYR B 433 -29.31 -0.75 -10.83
C TYR B 433 -28.84 -1.11 -9.43
N ASN B 434 -29.48 -2.12 -8.84
CA ASN B 434 -29.11 -2.65 -7.55
C ASN B 434 -28.73 -4.13 -7.67
C7 ZRD C . 6.55 -6.74 29.33
C6 ZRD C . 8.68 -7.24 28.28
C1 ZRD C . 7.24 -9.59 34.48
N1 ZRD C . 6.61 -7.77 31.44
C5 ZRD C . 8.32 -4.88 29.77
C4 ZRD C . 7.19 -5.76 30.36
C3 ZRD C . 7.68 -6.72 31.46
C2 ZRD C . 6.45 -8.71 32.44
F ZRD C . 6.14 -11.49 35.31
C ZRD C . 6.22 -10.56 34.41
C12 ZRD C . 5.32 -10.54 33.31
N5 ZRD C . 5.40 -9.63 32.32
N ZRD C . 7.39 -8.66 33.51
C11 ZRD C . 5.74 -7.71 30.24
N3 ZRD C . 7.47 -7.55 28.54
N2 ZRD C . 9.47 -8.06 27.50
S ZRD C . 9.63 -5.83 28.93
C8 ZRD C . 5.65 -5.98 28.40
C8 ZRD C . 5.71 -5.93 28.39
S1 ZRD C . 4.18 -5.23 28.90
S1 ZRD C . 5.99 -5.95 26.72
N4 ZRD C . 3.76 -4.62 27.39
N4 ZRD C . 4.83 -4.80 26.30
C10 ZRD C . 4.70 -4.96 26.51
C10 ZRD C . 4.22 -4.40 27.42
C9 ZRD C . 5.80 -5.75 27.06
C9 ZRD C . 4.69 -5.02 28.65
C1 GOL D . 13.95 4.73 3.15
O1 GOL D . 15.38 4.66 3.23
C2 GOL D . 13.62 6.22 3.31
O2 GOL D . 12.42 6.34 4.06
C3 GOL D . 13.50 6.86 1.93
O3 GOL D . 12.85 8.16 2.09
C7 ZRD E . -7.63 0.15 -17.80
C6 ZRD E . -9.67 1.48 -18.13
C1 ZRD E . -7.14 -1.55 -12.53
N1 ZRD E . -8.04 -1.19 -15.95
C5 ZRD E . -9.25 -1.01 -19.45
C4 ZRD E . -8.28 -1.19 -18.27
C3 ZRD E . -9.01 -1.63 -17.00
C2 ZRD E . -8.07 -1.64 -14.64
F ZRD E . -8.19 -2.80 -10.86
C ZRD E . -8.17 -2.42 -12.10
C12 ZRD E . -9.14 -2.89 -13.00
N5 ZRD E . -9.13 -2.52 -14.27
N ZRD E . -7.09 -1.15 -13.82
C11 ZRD E . -7.02 -0.24 -16.43
N3 ZRD E . -8.52 1.33 -17.58
N2 ZRD E . -10.44 2.62 -17.89
S ZRD E . -10.54 0.27 -19.13
C8 ZRD E . -6.58 0.54 -18.81
C8 ZRD E . -6.57 0.53 -18.78
S1 ZRD E . -5.11 -0.34 -19.06
S1 ZRD E . -6.70 1.94 -19.70
N4 ZRD E . -4.57 0.61 -20.33
N4 ZRD E . -5.29 1.67 -20.57
C10 ZRD E . -5.47 1.57 -20.57
C10 ZRD E . -4.71 0.53 -20.17
C9 ZRD E . -6.64 1.57 -19.71
C9 ZRD E . -5.43 -0.17 -19.13
C1 GOL F . -11.56 17.57 -41.20
O1 GOL F . -12.98 17.72 -41.32
C2 GOL F . -11.12 16.72 -42.40
O2 GOL F . -9.98 15.93 -42.03
C3 GOL F . -10.81 17.62 -43.61
O3 GOL F . -10.03 16.87 -44.57
S SO4 G . 2.38 -7.45 -25.79
O1 SO4 G . 2.01 -6.14 -26.38
O2 SO4 G . 1.76 -7.65 -24.49
O3 SO4 G . 1.89 -8.46 -26.75
O4 SO4 G . 3.84 -7.52 -25.62
#